data_9BCS
#
_entry.id   9BCS
#
_cell.length_a   1.00
_cell.length_b   1.00
_cell.length_c   1.00
_cell.angle_alpha   90.00
_cell.angle_beta   90.00
_cell.angle_gamma   90.00
#
_symmetry.space_group_name_H-M   'P 1'
#
loop_
_entity.id
_entity.type
_entity.pdbx_description
1 polymer 'Atrial natriuretic peptide receptor 1'
2 non-polymer "ADENOSINE-5'-TRIPHOSPHATE"
#
_entity_poly.entity_id   1
_entity_poly.type   'polypeptide(L)'
_entity_poly.pdbx_seq_one_letter_code
;DYKDDDDKAAAGNLTVAVVLPLANTSYPWSWARVGPAVELALAQVKARPDLLPGWTVRTVLGSSENALGVCSDTAAPLAA
VDLKWEHNPAVFLGPGCVYAAAPVGRFTAHWRVPLLTAGAPALGFGVKDEYALTTRAGPSYAKLGDFVAALHRRLGWERQ
ALMLYAYRPGDEEHCFFLVEGLFMRVRDRLNITVDHLEFAEDDLSHYTRLLRTMPRKGRVIYICSSPDAFRTLMLLALEA
GLCGEDYVFFHLDIFGQSLQGGQGPAPRRPWERGDGQDVSARQAFQAAKIITYKDPDNPEYLEFLKQLKHLAYEQFNFTM
EDGLVNTIPASFHDGLLLYIQAVTETLAHGGTVTDGENITQRMWNRSFQGVTGYLKIDSSGDRETDFSLWDMDPENGAFR
VVLNYNGTSQELVAVSGRKLNWPLGYPPPDIPKCGFDNEDPACNQDHLSTLEVLALVGSLSLLGILIVSFFIYRKMQLEK
ELASELWRVRWEDVEPSSLERHLRSAGSRLTLSGRGSNYGSLLTTEGQFQVFAKTAYYKGNLVAVKRVNRKRIELTRKVL
FELKHMRDVQNEHLTRFVGACTDPPNICILTEYCPRGSLQDILENESITLDWMFRYSLTNDIVKGMLFLHNGAICSHGNL
KSSNCVVDGRFVLKITDYGLESFRDLDPEQGHTVYAKKLWTAPELLRMASPPVRGSQAGDVYSFGIILQEIALRSGVFHV
EGLDLSPKEIIERVTRGEQPPFRPSLALQSHLEELGLLMQRCWAEDPQERPPFQQIRLTLRKFNRENSSNILDNLLSRME
QYANNLEELVEERTQAYLEEKRKAEALLYQILPHSVAEQLKRGETVQAEAFDSVTIYFSDIVGFTALSAESTPMQVVTLL
NDLYTCFDAVIDNFDVYKVETIGDAYMVVSGLPVRNGRLHACEVARMALALLDAVRSFRIRHRPQEQLRLRIGIHTGPVC
AGVVGLKMPRYCLFGDTVNTASRMESNGEALKIHLSSETKAVLEEFGGFELELRGDVEMKGKGKVRTYWLLGERGSSTRG
;
_entity_poly.pdbx_strand_id   A,B
#
loop_
_chem_comp.id
_chem_comp.type
_chem_comp.name
_chem_comp.formula
ATP non-polymer ADENOSINE-5'-TRIPHOSPHATE 'C10 H16 N5 O13 P3'
#
# COMPACT_ATOMS: atom_id res chain seq x y z
N LEU A 482 6.93 -23.46 53.52
CA LEU A 482 6.70 -22.10 53.99
C LEU A 482 7.99 -21.29 53.96
N ALA A 483 9.09 -21.94 54.32
CA ALA A 483 10.41 -21.31 54.36
C ALA A 483 11.15 -21.43 53.04
N SER A 484 10.52 -21.96 52.00
CA SER A 484 11.20 -22.16 50.72
C SER A 484 11.65 -20.82 50.12
N GLU A 485 10.79 -19.80 50.20
CA GLU A 485 11.07 -18.48 49.63
C GLU A 485 11.38 -18.58 48.14
N LEU A 486 10.67 -19.46 47.44
CA LEU A 486 10.86 -19.68 46.02
C LEU A 486 9.94 -18.82 45.16
N TRP A 487 9.08 -18.00 45.77
CA TRP A 487 8.17 -17.16 45.00
C TRP A 487 8.73 -15.78 44.70
N ARG A 488 9.82 -15.38 45.35
CA ARG A 488 10.38 -14.04 45.22
C ARG A 488 11.75 -14.10 44.55
N VAL A 489 11.97 -13.21 43.58
CA VAL A 489 13.28 -13.09 42.94
C VAL A 489 14.13 -12.01 43.58
N ARG A 490 13.54 -11.12 44.38
CA ARG A 490 14.24 -10.08 45.13
C ARG A 490 14.99 -9.11 44.22
N TRP A 491 14.57 -8.98 42.97
CA TRP A 491 15.15 -8.06 41.99
C TRP A 491 16.62 -8.35 41.71
N GLU A 492 17.15 -9.48 42.18
CA GLU A 492 18.57 -9.76 42.04
C GLU A 492 18.94 -10.05 40.59
N ASP A 493 18.17 -10.91 39.92
CA ASP A 493 18.49 -11.34 38.55
C ASP A 493 17.21 -11.29 37.72
N VAL A 494 16.99 -10.15 37.06
CA VAL A 494 15.87 -9.96 36.15
C VAL A 494 16.40 -9.30 34.89
N GLU A 495 16.03 -9.83 33.73
CA GLU A 495 16.48 -9.27 32.47
C GLU A 495 15.90 -7.87 32.29
N PRO A 496 16.72 -6.87 31.93
CA PRO A 496 16.25 -5.49 31.74
C PRO A 496 15.50 -5.30 30.42
N THR A 535 5.71 -6.14 29.19
CA THR A 535 6.98 -5.82 29.83
C THR A 535 8.13 -6.58 29.17
N ALA A 536 9.34 -6.36 29.67
CA ALA A 536 10.53 -7.01 29.13
C ALA A 536 10.65 -8.42 29.69
N TYR A 537 11.78 -9.07 29.43
CA TYR A 537 11.99 -10.43 29.90
C TYR A 537 12.32 -10.44 31.39
N TYR A 538 12.33 -11.64 31.97
CA TYR A 538 12.65 -11.81 33.38
C TYR A 538 13.09 -13.24 33.60
N LYS A 539 14.35 -13.42 33.98
CA LYS A 539 14.93 -14.75 34.19
C LYS A 539 14.78 -15.62 32.94
N GLY A 540 14.98 -15.01 31.77
CA GLY A 540 14.82 -15.71 30.51
C GLY A 540 13.42 -15.58 29.93
N ASN A 541 12.42 -15.94 30.72
CA ASN A 541 11.04 -15.85 30.27
C ASN A 541 10.61 -14.40 30.10
N LEU A 542 9.81 -14.14 29.07
CA LEU A 542 9.34 -12.79 28.78
C LEU A 542 7.96 -12.59 29.40
N VAL A 543 7.95 -12.48 30.72
CA VAL A 543 6.72 -12.26 31.46
C VAL A 543 6.38 -10.77 31.49
N ALA A 544 5.13 -10.48 31.81
CA ALA A 544 4.63 -9.11 31.91
C ALA A 544 4.37 -8.76 33.37
N VAL A 545 4.77 -7.55 33.77
CA VAL A 545 4.76 -7.14 35.16
C VAL A 545 3.87 -5.91 35.31
N LYS A 546 3.03 -5.92 36.35
CA LYS A 546 2.21 -4.78 36.72
C LYS A 546 2.69 -4.25 38.07
N ARG A 547 2.88 -2.94 38.15
CA ARG A 547 3.43 -2.31 39.34
C ARG A 547 2.35 -2.12 40.40
N VAL A 548 2.81 -1.84 41.62
CA VAL A 548 1.94 -1.59 42.76
C VAL A 548 2.46 -0.38 43.52
N ASN A 549 1.55 0.47 43.99
CA ASN A 549 1.90 1.68 44.71
C ASN A 549 1.63 1.46 46.19
N ARG A 550 2.64 0.95 46.89
CA ARG A 550 2.55 0.72 48.33
C ARG A 550 3.94 0.79 48.93
N LYS A 551 3.99 1.04 50.24
CA LYS A 551 5.25 1.12 50.96
C LYS A 551 5.28 0.39 52.28
N ARG A 552 4.15 -0.11 52.78
CA ARG A 552 4.08 -0.78 54.07
C ARG A 552 4.04 -2.30 53.94
N ILE A 553 4.34 -2.83 52.75
CA ILE A 553 4.30 -4.28 52.53
C ILE A 553 5.61 -4.92 52.97
N GLU A 554 5.68 -5.30 54.25
CA GLU A 554 6.88 -5.94 54.80
C GLU A 554 6.71 -7.45 54.91
N LEU A 555 5.73 -7.92 55.68
CA LEU A 555 5.50 -9.33 55.89
C LEU A 555 4.17 -9.51 56.64
N THR A 556 3.53 -10.65 56.38
CA THR A 556 2.28 -10.99 57.06
C THR A 556 2.02 -12.47 56.86
N ARG A 557 1.73 -13.19 57.95
CA ARG A 557 1.52 -14.62 57.87
C ARG A 557 0.28 -14.96 57.04
N LYS A 558 -0.82 -14.22 57.25
CA LYS A 558 -2.01 -14.44 56.43
C LYS A 558 -1.75 -14.11 54.97
N VAL A 559 -1.05 -13.01 54.71
CA VAL A 559 -0.69 -12.67 53.34
C VAL A 559 0.27 -13.70 52.77
N LEU A 560 1.15 -14.25 53.61
CA LEU A 560 2.05 -15.30 53.14
C LEU A 560 1.27 -16.53 52.72
N PHE A 561 0.27 -16.93 53.51
CA PHE A 561 -0.58 -18.07 53.14
C PHE A 561 -1.36 -17.78 51.87
N GLU A 562 -1.87 -16.56 51.72
CA GLU A 562 -2.60 -16.20 50.51
C GLU A 562 -1.70 -16.25 49.29
N LEU A 563 -0.46 -15.76 49.42
CA LEU A 563 0.48 -15.81 48.31
C LEU A 563 0.87 -17.25 47.98
N LYS A 564 1.03 -18.09 48.99
CA LYS A 564 1.33 -19.49 48.75
C LYS A 564 0.19 -20.18 48.01
N HIS A 565 -1.06 -19.88 48.40
CA HIS A 565 -2.21 -20.43 47.69
C HIS A 565 -2.26 -19.92 46.25
N MET A 566 -1.95 -18.64 46.04
CA MET A 566 -1.95 -18.08 44.69
C MET A 566 -0.88 -18.75 43.82
N ARG A 567 0.29 -19.02 44.39
CA ARG A 567 1.34 -19.69 43.63
C ARG A 567 1.00 -21.16 43.39
N ASP A 568 0.40 -21.82 44.39
CA ASP A 568 0.11 -23.25 44.30
C ASP A 568 -1.27 -23.47 43.66
N VAL A 569 -1.33 -23.18 42.37
CA VAL A 569 -2.53 -23.43 41.57
C VAL A 569 -2.13 -23.44 40.11
N GLN A 570 -2.77 -24.31 39.33
CA GLN A 570 -2.53 -24.40 37.90
C GLN A 570 -3.73 -25.08 37.25
N ASN A 571 -4.07 -24.62 36.05
CA ASN A 571 -5.20 -25.18 35.33
C ASN A 571 -5.03 -24.89 33.85
N GLU A 572 -5.79 -25.63 33.03
CA GLU A 572 -5.73 -25.43 31.58
C GLU A 572 -6.23 -24.05 31.19
N HIS A 573 -7.32 -23.61 31.81
CA HIS A 573 -7.92 -22.31 31.49
C HIS A 573 -7.45 -21.19 32.41
N LEU A 574 -6.51 -21.46 33.31
CA LEU A 574 -6.02 -20.48 34.25
C LEU A 574 -4.56 -20.16 33.96
N THR A 575 -4.18 -18.90 34.16
CA THR A 575 -2.81 -18.46 33.92
C THR A 575 -1.91 -18.91 35.06
N ARG A 576 -0.65 -18.46 35.05
CA ARG A 576 0.32 -18.84 36.05
C ARG A 576 1.07 -17.62 36.55
N PHE A 577 1.41 -17.65 37.84
CA PHE A 577 2.18 -16.58 38.46
C PHE A 577 3.66 -16.85 38.29
N VAL A 578 4.43 -15.79 38.03
CA VAL A 578 5.85 -15.90 37.70
C VAL A 578 6.72 -15.41 38.86
N GLY A 579 6.58 -14.15 39.24
CA GLY A 579 7.42 -13.59 40.29
C GLY A 579 6.83 -12.33 40.88
N ALA A 580 7.44 -11.89 41.98
CA ALA A 580 7.02 -10.68 42.66
C ALA A 580 8.24 -9.97 43.22
N CYS A 581 8.18 -8.63 43.20
CA CYS A 581 9.21 -7.79 43.78
C CYS A 581 8.56 -6.83 44.75
N THR A 582 9.14 -6.70 45.95
CA THR A 582 8.62 -5.83 46.99
C THR A 582 9.74 -5.01 47.61
N ASP A 583 10.62 -4.49 46.79
CA ASP A 583 11.76 -3.69 47.22
C ASP A 583 11.58 -2.25 46.77
N PRO A 584 12.31 -1.31 47.37
CA PRO A 584 12.23 0.09 46.92
C PRO A 584 12.54 0.27 45.45
N PRO A 585 13.46 -0.51 44.86
CA PRO A 585 13.59 -0.43 43.39
C PRO A 585 12.32 -0.82 42.63
N ASN A 586 11.55 -1.79 43.12
CA ASN A 586 10.40 -2.25 42.37
C ASN A 586 9.38 -2.89 43.31
N ILE A 587 8.13 -2.47 43.19
CA ILE A 587 7.01 -3.08 43.89
C ILE A 587 6.00 -3.49 42.82
N CYS A 588 6.08 -4.74 42.39
CA CYS A 588 5.31 -5.20 41.24
C CYS A 588 5.13 -6.70 41.29
N ILE A 589 4.20 -7.19 40.47
CA ILE A 589 3.96 -8.62 40.30
C ILE A 589 4.00 -8.94 38.82
N LEU A 590 4.78 -9.95 38.45
CA LEU A 590 4.95 -10.35 37.05
C LEU A 590 4.38 -11.75 36.86
N THR A 591 3.59 -11.92 35.80
CA THR A 591 3.01 -13.20 35.43
C THR A 591 3.23 -13.44 33.94
N GLU A 592 2.93 -14.67 33.51
CA GLU A 592 3.15 -15.04 32.12
C GLU A 592 2.44 -14.08 31.17
N TYR A 593 3.18 -13.57 30.19
CA TYR A 593 2.67 -12.53 29.31
C TYR A 593 1.83 -13.16 28.19
N CYS A 594 0.61 -12.66 28.04
CA CYS A 594 -0.26 -13.10 26.96
C CYS A 594 0.25 -12.55 25.64
N PRO A 595 0.52 -13.39 24.65
CA PRO A 595 1.04 -12.88 23.37
C PRO A 595 0.03 -12.07 22.59
N ARG A 596 -1.19 -12.60 22.44
CA ARG A 596 -2.25 -11.90 21.73
C ARG A 596 -2.80 -10.78 22.60
N GLY A 597 -3.76 -10.04 22.04
CA GLY A 597 -4.35 -8.93 22.76
C GLY A 597 -5.34 -9.38 23.81
N SER A 598 -5.79 -8.41 24.59
CA SER A 598 -6.74 -8.68 25.66
C SER A 598 -8.13 -8.95 25.08
N LEU A 599 -8.98 -9.55 25.91
CA LEU A 599 -10.34 -9.85 25.48
C LEU A 599 -11.12 -8.57 25.18
N GLN A 600 -10.79 -7.48 25.87
CA GLN A 600 -11.42 -6.19 25.63
C GLN A 600 -11.39 -5.80 24.15
N ASP A 601 -10.19 -5.73 23.56
CA ASP A 601 -10.06 -5.31 22.17
C ASP A 601 -10.71 -6.30 21.20
N ILE A 602 -10.50 -7.61 21.43
CA ILE A 602 -11.01 -8.62 20.52
C ILE A 602 -12.53 -8.63 20.50
N LEU A 603 -13.15 -8.59 21.68
CA LEU A 603 -14.60 -8.61 21.77
C LEU A 603 -15.22 -7.39 21.11
N GLU A 604 -14.57 -6.22 21.25
CA GLU A 604 -15.03 -5.03 20.56
C GLU A 604 -15.13 -5.26 19.06
N ASN A 605 -14.19 -6.03 18.50
CA ASN A 605 -14.21 -6.44 17.11
C ASN A 605 -14.06 -5.24 16.18
N GLU A 606 -14.59 -5.37 14.96
CA GLU A 606 -14.54 -4.38 13.89
C GLU A 606 -13.12 -4.24 13.36
N SER A 607 -12.14 -4.81 14.07
CA SER A 607 -10.82 -5.03 13.50
C SER A 607 -10.79 -6.35 12.73
N ILE A 608 -11.17 -7.44 13.40
CA ILE A 608 -11.30 -8.75 12.78
C ILE A 608 -12.56 -9.40 13.32
N THR A 609 -13.07 -10.38 12.56
CA THR A 609 -14.34 -11.01 12.88
C THR A 609 -14.11 -12.27 13.70
N LEU A 610 -15.19 -12.94 14.07
CA LEU A 610 -15.14 -14.16 14.86
C LEU A 610 -16.39 -14.98 14.59
N ASP A 611 -16.27 -16.29 14.80
CA ASP A 611 -17.38 -17.20 14.55
C ASP A 611 -18.23 -17.40 15.81
N TRP A 612 -19.43 -17.95 15.61
CA TRP A 612 -20.29 -18.26 16.75
C TRP A 612 -19.70 -19.39 17.58
N MET A 613 -19.23 -20.45 16.92
CA MET A 613 -18.55 -21.53 17.63
C MET A 613 -17.31 -21.01 18.33
N PHE A 614 -16.63 -20.01 17.74
CA PHE A 614 -15.55 -19.34 18.43
C PHE A 614 -16.05 -18.64 19.70
N ARG A 615 -17.21 -18.01 19.62
CA ARG A 615 -17.78 -17.34 20.78
C ARG A 615 -18.06 -18.34 21.90
N TYR A 616 -18.68 -19.47 21.55
CA TYR A 616 -18.98 -20.48 22.57
C TYR A 616 -17.71 -21.12 23.10
N SER A 617 -16.67 -21.30 22.26
CA SER A 617 -15.40 -21.83 22.75
C SER A 617 -14.79 -20.89 23.78
N LEU A 618 -14.75 -19.58 23.47
CA LEU A 618 -14.19 -18.62 24.42
C LEU A 618 -15.01 -18.58 25.71
N THR A 619 -16.34 -18.60 25.59
CA THR A 619 -17.20 -18.58 26.76
C THR A 619 -17.00 -19.83 27.61
N ASN A 620 -16.88 -21.00 26.97
CA ASN A 620 -16.67 -22.24 27.70
C ASN A 620 -15.32 -22.24 28.40
N ASP A 621 -14.28 -21.73 27.74
CA ASP A 621 -12.97 -21.63 28.39
C ASP A 621 -13.04 -20.72 29.60
N ILE A 622 -13.70 -19.57 29.46
CA ILE A 622 -13.83 -18.64 30.58
C ILE A 622 -14.60 -19.28 31.74
N VAL A 623 -15.69 -19.98 31.42
CA VAL A 623 -16.50 -20.62 32.45
C VAL A 623 -15.70 -21.72 33.15
N LYS A 624 -14.95 -22.51 32.38
CA LYS A 624 -14.14 -23.57 32.98
C LYS A 624 -13.08 -22.99 33.90
N GLY A 625 -12.45 -21.88 33.48
CA GLY A 625 -11.50 -21.22 34.37
C GLY A 625 -12.14 -20.69 35.63
N MET A 626 -13.30 -20.04 35.49
CA MET A 626 -13.97 -19.44 36.64
C MET A 626 -14.47 -20.50 37.61
N LEU A 627 -14.88 -21.67 37.11
CA LEU A 627 -15.36 -22.72 38.00
C LEU A 627 -14.26 -23.18 38.95
N PHE A 628 -13.04 -23.34 38.45
CA PHE A 628 -11.92 -23.70 39.32
C PHE A 628 -11.50 -22.52 40.17
N LEU A 629 -11.57 -21.29 39.63
CA LEU A 629 -11.13 -20.12 40.38
C LEU A 629 -12.00 -19.89 41.62
N HIS A 630 -13.32 -19.88 41.44
CA HIS A 630 -14.21 -19.59 42.55
C HIS A 630 -14.19 -20.70 43.59
N ASN A 631 -14.32 -21.96 43.14
CA ASN A 631 -14.31 -23.10 44.05
C ASN A 631 -12.90 -23.68 44.17
N GLY A 632 -11.98 -22.82 44.64
CA GLY A 632 -10.60 -23.21 44.79
C GLY A 632 -10.04 -22.89 46.15
N ALA A 633 -8.87 -22.23 46.18
CA ALA A 633 -8.25 -21.89 47.46
C ALA A 633 -9.11 -20.92 48.25
N ILE A 634 -9.66 -19.91 47.58
CA ILE A 634 -10.50 -18.90 48.22
C ILE A 634 -11.61 -18.51 47.24
N CYS A 635 -12.47 -17.60 47.68
CA CYS A 635 -13.54 -17.11 46.83
C CYS A 635 -12.95 -16.34 45.64
N SER A 636 -13.82 -16.01 44.70
CA SER A 636 -13.39 -15.29 43.50
C SER A 636 -12.80 -13.93 43.88
N HIS A 637 -11.81 -13.49 43.09
CA HIS A 637 -11.10 -12.25 43.38
C HIS A 637 -11.96 -11.01 43.23
N GLY A 638 -13.13 -11.12 42.62
CA GLY A 638 -14.01 -9.97 42.46
C GLY A 638 -13.68 -9.03 41.33
N ASN A 639 -12.40 -8.68 41.19
CA ASN A 639 -11.97 -7.80 40.11
C ASN A 639 -11.67 -8.58 38.83
N LEU A 640 -12.64 -9.38 38.40
CA LEU A 640 -12.52 -10.16 37.17
C LEU A 640 -13.25 -9.45 36.02
N LYS A 641 -12.76 -8.26 35.69
CA LYS A 641 -13.37 -7.46 34.64
C LYS A 641 -13.09 -8.08 33.27
N SER A 642 -13.95 -7.74 32.31
CA SER A 642 -13.80 -8.25 30.95
C SER A 642 -12.57 -7.69 30.24
N SER A 643 -11.95 -6.63 30.78
CA SER A 643 -10.76 -6.03 30.20
C SER A 643 -9.48 -6.46 30.90
N ASN A 644 -9.54 -7.47 31.75
CA ASN A 644 -8.38 -7.98 32.47
C ASN A 644 -8.14 -9.46 32.15
N CYS A 645 -8.58 -9.91 30.99
CA CYS A 645 -8.37 -11.28 30.54
C CYS A 645 -7.95 -11.28 29.09
N VAL A 646 -7.07 -12.21 28.73
CA VAL A 646 -6.54 -12.33 27.38
C VAL A 646 -6.44 -13.80 27.00
N VAL A 647 -5.97 -14.06 25.79
CA VAL A 647 -5.83 -15.41 25.27
C VAL A 647 -4.35 -15.69 25.03
N ASP A 648 -4.02 -16.99 24.97
CA ASP A 648 -2.65 -17.43 24.78
C ASP A 648 -2.34 -17.48 23.29
N GLY A 649 -1.15 -17.98 22.94
CA GLY A 649 -0.76 -18.07 21.54
C GLY A 649 -1.65 -19.02 20.76
N ARG A 650 -2.00 -20.16 21.35
CA ARG A 650 -2.94 -21.10 20.76
C ARG A 650 -4.38 -20.79 21.18
N PHE A 651 -4.64 -19.59 21.68
CA PHE A 651 -5.98 -19.12 22.04
C PHE A 651 -6.59 -19.99 23.14
N VAL A 652 -5.83 -20.18 24.21
CA VAL A 652 -6.33 -20.81 25.44
C VAL A 652 -6.62 -19.69 26.42
N LEU A 653 -7.89 -19.32 26.53
CA LEU A 653 -8.28 -18.13 27.29
C LEU A 653 -7.82 -18.23 28.73
N LYS A 654 -7.19 -17.15 29.21
CA LYS A 654 -6.79 -17.01 30.60
C LYS A 654 -7.34 -15.69 31.12
N ILE A 655 -7.08 -15.41 32.40
CA ILE A 655 -7.51 -14.17 33.01
C ILE A 655 -6.46 -13.76 34.04
N THR A 656 -6.32 -12.45 34.24
CA THR A 656 -5.44 -11.96 35.30
C THR A 656 -6.09 -12.16 36.66
N ASP A 657 -7.19 -11.46 36.90
CA ASP A 657 -8.28 -11.87 37.79
C ASP A 657 -7.87 -12.55 39.09
N TYR A 658 -6.77 -12.12 39.70
CA TYR A 658 -6.49 -12.46 41.08
C TYR A 658 -5.70 -11.33 41.71
N GLY A 659 -6.05 -10.97 42.93
CA GLY A 659 -5.40 -9.88 43.63
C GLY A 659 -4.53 -10.34 44.79
N LEU A 660 -4.85 -11.53 45.33
CA LEU A 660 -4.12 -12.10 46.47
C LEU A 660 -4.11 -11.16 47.68
N GLU A 661 -5.17 -10.37 47.84
CA GLU A 661 -5.37 -9.45 48.95
C GLU A 661 -4.29 -8.40 49.07
N SER A 662 -3.45 -8.24 48.04
CA SER A 662 -2.39 -7.23 48.08
C SER A 662 -2.24 -6.45 46.78
N PHE A 663 -3.04 -6.76 45.75
CA PHE A 663 -2.94 -6.03 44.48
C PHE A 663 -3.63 -4.68 44.52
N ARG A 664 -4.44 -4.41 45.54
CA ARG A 664 -5.18 -3.15 45.64
C ARG A 664 -4.23 -2.06 46.12
N ASP A 665 -3.54 -1.43 45.17
CA ASP A 665 -2.72 -0.26 45.48
C ASP A 665 -3.64 0.87 45.94
N LEU A 666 -3.53 1.23 47.22
CA LEU A 666 -4.52 2.12 47.83
C LEU A 666 -4.53 3.49 47.14
N ASP A 667 -5.71 3.85 46.63
CA ASP A 667 -5.97 5.16 46.05
C ASP A 667 -7.48 5.40 45.96
N PRO A 668 -8.19 5.48 47.09
CA PRO A 668 -9.64 5.67 47.02
C PRO A 668 -10.06 7.00 46.41
N GLU A 669 -9.20 8.01 46.45
CA GLU A 669 -9.54 9.37 46.01
C GLU A 669 -9.27 9.61 44.53
N GLN A 670 -9.28 8.56 43.70
CA GLN A 670 -8.93 8.73 42.29
C GLN A 670 -9.89 9.68 41.58
N GLY A 671 -11.17 9.30 41.51
CA GLY A 671 -12.15 10.15 40.87
C GLY A 671 -13.21 9.33 40.15
N HIS A 672 -13.86 9.98 39.18
CA HIS A 672 -15.02 9.39 38.52
C HIS A 672 -14.63 8.31 37.52
N THR A 673 -13.45 8.41 36.91
CA THR A 673 -13.02 7.35 35.99
C THR A 673 -12.83 6.03 36.73
N VAL A 674 -12.18 6.08 37.89
CA VAL A 674 -12.08 4.90 38.75
C VAL A 674 -13.47 4.48 39.21
N TYR A 675 -14.35 5.46 39.44
CA TYR A 675 -15.71 5.13 39.85
C TYR A 675 -16.41 4.28 38.80
N ALA A 676 -16.28 4.63 37.52
CA ALA A 676 -16.91 3.85 36.46
C ALA A 676 -16.24 2.49 36.28
N LYS A 677 -14.90 2.48 36.20
CA LYS A 677 -14.21 1.20 36.02
C LYS A 677 -14.46 0.26 37.17
N LYS A 678 -14.77 0.79 38.36
CA LYS A 678 -15.31 -0.03 39.43
C LYS A 678 -16.76 -0.40 39.16
N LEU A 679 -17.57 0.56 38.69
CA LEU A 679 -18.99 0.38 38.45
C LEU A 679 -19.26 -0.78 37.50
N TRP A 680 -18.21 -1.23 36.80
CA TRP A 680 -18.29 -2.54 36.15
C TRP A 680 -18.68 -3.63 37.15
N THR A 681 -18.26 -3.52 38.40
CA THR A 681 -18.58 -4.48 39.45
C THR A 681 -20.08 -4.69 39.60
N ALA A 682 -20.43 -5.80 40.25
CA ALA A 682 -21.82 -6.18 40.47
C ALA A 682 -22.60 -5.04 41.13
N PRO A 683 -23.84 -4.80 40.72
CA PRO A 683 -24.63 -3.74 41.37
C PRO A 683 -24.96 -4.04 42.83
N GLU A 684 -25.22 -5.29 43.18
CA GLU A 684 -25.69 -5.62 44.52
C GLU A 684 -24.66 -5.23 45.57
N LEU A 685 -23.38 -5.57 45.34
CA LEU A 685 -22.34 -5.19 46.28
C LEU A 685 -22.15 -3.67 46.33
N LEU A 686 -22.21 -3.02 45.17
CA LEU A 686 -22.00 -1.58 45.07
C LEU A 686 -23.29 -0.88 45.50
N ARG A 687 -23.40 -0.60 46.79
CA ARG A 687 -24.55 0.07 47.38
C ARG A 687 -24.09 1.19 48.30
N MET A 688 -23.15 2.02 47.81
CA MET A 688 -22.57 3.11 48.58
C MET A 688 -21.95 2.60 49.89
N ALA A 689 -21.32 1.43 49.81
CA ALA A 689 -20.67 0.82 50.96
C ALA A 689 -19.33 0.23 50.51
N SER A 690 -18.48 -0.10 51.48
CA SER A 690 -17.16 -0.63 51.19
C SER A 690 -17.23 -2.15 51.12
N PRO A 691 -17.01 -2.76 49.97
CA PRO A 691 -16.97 -4.23 49.89
C PRO A 691 -15.62 -4.76 50.32
N PRO A 692 -15.56 -6.02 50.74
CA PRO A 692 -14.25 -6.62 51.03
C PRO A 692 -13.39 -6.68 49.78
N VAL A 693 -12.07 -6.55 49.98
CA VAL A 693 -11.14 -6.59 48.86
C VAL A 693 -11.16 -7.95 48.18
N ARG A 694 -11.46 -9.02 48.94
CA ARG A 694 -11.52 -10.34 48.35
C ARG A 694 -12.62 -10.44 47.30
N GLY A 695 -13.79 -9.89 47.59
CA GLY A 695 -14.91 -9.92 46.67
C GLY A 695 -16.07 -10.75 47.19
N SER A 696 -16.86 -11.24 46.25
CA SER A 696 -18.02 -12.05 46.58
C SER A 696 -18.40 -12.90 45.37
N GLN A 697 -19.18 -13.95 45.63
CA GLN A 697 -19.64 -14.83 44.56
C GLN A 697 -20.59 -14.09 43.61
N ALA A 698 -21.43 -13.20 44.15
CA ALA A 698 -22.30 -12.41 43.30
C ALA A 698 -21.50 -11.50 42.38
N GLY A 699 -20.37 -10.97 42.86
CA GLY A 699 -19.51 -10.18 42.00
C GLY A 699 -18.97 -10.98 40.84
N ASP A 700 -18.55 -12.23 41.09
CA ASP A 700 -18.07 -13.09 40.01
C ASP A 700 -19.20 -13.41 39.03
N VAL A 701 -20.40 -13.68 39.54
CA VAL A 701 -21.53 -13.99 38.67
C VAL A 701 -21.86 -12.81 37.78
N TYR A 702 -21.87 -11.60 38.35
CA TYR A 702 -22.16 -10.41 37.55
C TYR A 702 -21.03 -10.10 36.57
N SER A 703 -19.78 -10.37 36.95
CA SER A 703 -18.67 -10.20 36.02
C SER A 703 -18.80 -11.14 34.83
N PHE A 704 -19.18 -12.40 35.10
CA PHE A 704 -19.42 -13.33 34.00
C PHE A 704 -20.57 -12.88 33.12
N GLY A 705 -21.64 -12.39 33.74
CA GLY A 705 -22.76 -11.88 32.95
C GLY A 705 -22.38 -10.69 32.09
N ILE A 706 -21.57 -9.78 32.64
CA ILE A 706 -21.12 -8.61 31.89
C ILE A 706 -20.22 -9.03 30.74
N ILE A 707 -19.34 -10.01 30.98
CA ILE A 707 -18.49 -10.51 29.91
C ILE A 707 -19.33 -11.14 28.80
N LEU A 708 -20.34 -11.92 29.18
CA LEU A 708 -21.22 -12.52 28.17
C LEU A 708 -21.97 -11.45 27.40
N GLN A 709 -22.46 -10.42 28.08
CA GLN A 709 -23.17 -9.34 27.39
C GLN A 709 -22.24 -8.59 26.43
N GLU A 710 -21.01 -8.34 26.85
CA GLU A 710 -20.04 -7.69 25.97
C GLU A 710 -19.74 -8.55 24.76
N ILE A 711 -19.61 -9.86 24.95
CA ILE A 711 -19.37 -10.76 23.82
C ILE A 711 -20.55 -10.75 22.87
N ALA A 712 -21.77 -10.75 23.42
CA ALA A 712 -22.96 -10.79 22.58
C ALA A 712 -23.17 -9.50 21.82
N LEU A 713 -22.86 -8.35 22.44
CA LEU A 713 -23.11 -7.06 21.81
C LEU A 713 -21.90 -6.50 21.07
N ARG A 714 -20.69 -6.82 21.52
CA ARG A 714 -19.45 -6.39 20.88
C ARG A 714 -19.40 -4.86 20.73
N SER A 715 -19.54 -4.17 21.86
CA SER A 715 -19.47 -2.71 21.87
C SER A 715 -19.01 -2.27 23.26
N GLY A 716 -17.71 -2.03 23.40
CA GLY A 716 -17.17 -1.48 24.64
C GLY A 716 -17.47 -2.36 25.84
N VAL A 717 -17.81 -1.72 26.94
CA VAL A 717 -18.13 -2.40 28.19
C VAL A 717 -19.43 -1.82 28.74
N PHE A 718 -20.37 -2.71 29.09
CA PHE A 718 -21.64 -2.34 29.72
C PHE A 718 -22.40 -1.31 28.87
N HIS A 719 -22.80 -1.76 27.68
CA HIS A 719 -23.62 -0.97 26.78
C HIS A 719 -24.97 -1.64 26.59
N VAL A 720 -26.03 -0.85 26.74
CA VAL A 720 -27.39 -1.30 26.49
C VAL A 720 -27.93 -0.51 25.30
N GLU A 721 -29.20 -0.74 24.94
CA GLU A 721 -29.76 -0.02 23.81
C GLU A 721 -29.79 1.48 24.08
N GLY A 722 -30.65 1.92 25.00
CA GLY A 722 -30.70 3.29 25.48
C GLY A 722 -30.59 4.36 24.41
N LEU A 723 -30.09 5.54 24.80
CA LEU A 723 -29.66 6.57 23.87
C LEU A 723 -28.19 6.92 24.05
N ASP A 724 -27.78 7.16 25.29
CA ASP A 724 -26.39 7.46 25.66
C ASP A 724 -26.34 7.48 27.18
N LEU A 725 -25.14 7.27 27.73
CA LEU A 725 -24.98 7.20 29.16
C LEU A 725 -23.60 7.69 29.56
N SER A 726 -23.56 8.69 30.44
CA SER A 726 -22.31 9.13 31.04
C SER A 726 -21.89 8.13 32.12
N PRO A 727 -20.59 8.02 32.40
CA PRO A 727 -20.16 7.08 33.45
C PRO A 727 -20.72 7.41 34.82
N LYS A 728 -20.57 8.66 35.27
CA LYS A 728 -21.07 9.03 36.59
C LYS A 728 -22.59 8.94 36.66
N GLU A 729 -23.27 9.37 35.61
CA GLU A 729 -24.74 9.34 35.62
C GLU A 729 -25.26 7.91 35.70
N ILE A 730 -24.71 7.01 34.87
CA ILE A 730 -25.15 5.63 34.88
C ILE A 730 -24.81 4.96 36.21
N ILE A 731 -23.62 5.25 36.74
CA ILE A 731 -23.21 4.65 38.01
C ILE A 731 -24.14 5.10 39.14
N GLU A 732 -24.46 6.40 39.17
CA GLU A 732 -25.35 6.91 40.21
C GLU A 732 -26.76 6.35 40.06
N ARG A 733 -27.24 6.24 38.82
CA ARG A 733 -28.57 5.67 38.61
C ARG A 733 -28.64 4.22 39.06
N VAL A 734 -27.59 3.44 38.78
CA VAL A 734 -27.56 2.05 39.22
C VAL A 734 -27.47 1.97 40.75
N THR A 735 -26.60 2.78 41.36
CA THR A 735 -26.38 2.70 42.79
C THR A 735 -27.62 3.13 43.58
N ARG A 736 -28.29 4.19 43.13
CA ARG A 736 -29.48 4.66 43.84
C ARG A 736 -30.58 3.61 43.83
N GLY A 737 -30.81 2.97 42.69
CA GLY A 737 -31.78 1.91 42.59
C GLY A 737 -33.10 2.36 41.98
N GLU A 738 -33.29 2.06 40.69
CA GLU A 738 -34.54 2.38 40.02
C GLU A 738 -35.61 1.37 40.43
N GLN A 739 -36.86 1.84 40.47
CA GLN A 739 -37.96 0.94 40.76
C GLN A 739 -38.04 -0.23 39.78
N PRO A 740 -37.92 -0.03 38.47
CA PRO A 740 -37.68 -1.16 37.57
C PRO A 740 -36.24 -1.61 37.65
N PRO A 741 -35.97 -2.91 37.57
CA PRO A 741 -34.58 -3.39 37.69
C PRO A 741 -33.72 -2.86 36.56
N PHE A 742 -32.67 -2.12 36.93
CA PHE A 742 -31.72 -1.59 35.96
C PHE A 742 -30.87 -2.73 35.41
N ARG A 743 -31.10 -3.09 34.14
CA ARG A 743 -30.40 -4.18 33.51
C ARG A 743 -30.01 -3.80 32.09
N PRO A 744 -28.78 -4.12 31.67
CA PRO A 744 -28.35 -3.82 30.29
C PRO A 744 -28.94 -4.81 29.28
N SER A 745 -30.19 -4.53 28.90
CA SER A 745 -30.91 -5.39 27.97
C SER A 745 -30.23 -5.44 26.60
N LEU A 746 -29.72 -6.61 26.23
CA LEU A 746 -29.06 -6.79 24.95
C LEU A 746 -30.08 -7.12 23.87
N ALA A 747 -29.78 -6.70 22.65
CA ALA A 747 -30.67 -6.95 21.53
C ALA A 747 -30.78 -8.46 21.26
N LEU A 748 -32.01 -8.92 21.06
CA LEU A 748 -32.26 -10.34 20.82
C LEU A 748 -31.87 -10.70 19.39
N GLN A 749 -31.81 -12.01 19.14
CA GLN A 749 -31.47 -12.53 17.82
C GLN A 749 -32.17 -13.87 17.62
N SER A 750 -32.26 -14.27 16.36
CA SER A 750 -33.01 -15.47 16.01
C SER A 750 -32.31 -16.77 16.39
N HIS A 751 -30.99 -16.73 16.64
CA HIS A 751 -30.27 -17.96 16.91
C HIS A 751 -30.69 -18.57 18.25
N LEU A 752 -30.79 -17.76 19.29
CA LEU A 752 -31.15 -18.24 20.62
C LEU A 752 -31.49 -17.04 21.50
N GLU A 753 -32.23 -17.33 22.57
CA GLU A 753 -32.57 -16.31 23.56
C GLU A 753 -32.37 -16.79 25.00
N GLU A 754 -32.10 -18.07 25.23
CA GLU A 754 -31.90 -18.56 26.59
C GLU A 754 -30.64 -17.97 27.22
N LEU A 755 -29.61 -17.72 26.42
CA LEU A 755 -28.39 -17.10 26.94
C LEU A 755 -28.67 -15.70 27.48
N GLY A 756 -29.45 -14.92 26.75
CA GLY A 756 -29.82 -13.60 27.24
C GLY A 756 -30.66 -13.66 28.50
N LEU A 757 -31.58 -14.63 28.56
CA LEU A 757 -32.39 -14.80 29.77
C LEU A 757 -31.52 -15.16 30.96
N LEU A 758 -30.54 -16.05 30.77
CA LEU A 758 -29.62 -16.40 31.85
C LEU A 758 -28.79 -15.21 32.27
N MET A 759 -28.34 -14.40 31.30
CA MET A 759 -27.56 -13.21 31.62
C MET A 759 -28.39 -12.22 32.43
N GLN A 760 -29.65 -12.03 32.06
CA GLN A 760 -30.53 -11.13 32.81
C GLN A 760 -30.81 -11.67 34.21
N ARG A 761 -31.00 -12.99 34.33
CA ARG A 761 -31.27 -13.58 35.64
C ARG A 761 -30.05 -13.47 36.56
N CYS A 762 -28.85 -13.62 36.00
CA CYS A 762 -27.64 -13.49 36.80
C CYS A 762 -27.47 -12.07 37.31
N TRP A 763 -27.88 -11.08 36.53
CA TRP A 763 -27.77 -9.67 36.90
C TRP A 763 -28.94 -9.19 37.76
N ALA A 764 -29.85 -10.08 38.13
CA ALA A 764 -31.00 -9.69 38.94
C ALA A 764 -30.53 -9.14 40.29
N GLU A 765 -31.26 -8.12 40.77
CA GLU A 765 -30.88 -7.48 42.03
C GLU A 765 -30.91 -8.45 43.19
N ASP A 766 -31.92 -9.31 43.24
CA ASP A 766 -32.02 -10.29 44.31
C ASP A 766 -30.93 -11.33 44.18
N PRO A 767 -30.07 -11.51 45.18
CA PRO A 767 -28.99 -12.52 45.06
C PRO A 767 -29.51 -13.93 44.88
N GLN A 768 -30.65 -14.27 45.48
CA GLN A 768 -31.19 -15.62 45.34
C GLN A 768 -31.57 -15.92 43.89
N GLU A 769 -32.12 -14.92 43.18
CA GLU A 769 -32.48 -15.12 41.78
C GLU A 769 -31.25 -15.38 40.92
N ARG A 770 -30.10 -14.86 41.32
CA ARG A 770 -28.87 -15.10 40.56
C ARG A 770 -28.49 -16.58 40.68
N PRO A 771 -28.29 -17.27 39.56
CA PRO A 771 -27.95 -18.69 39.62
C PRO A 771 -26.51 -18.89 40.09
N PRO A 772 -26.17 -20.11 40.51
CA PRO A 772 -24.79 -20.36 40.96
C PRO A 772 -23.85 -20.69 39.80
N PHE A 773 -22.57 -20.89 40.11
CA PHE A 773 -21.61 -21.22 39.07
C PHE A 773 -21.93 -22.56 38.42
N GLN A 774 -22.41 -23.53 39.20
CA GLN A 774 -22.78 -24.82 38.65
C GLN A 774 -23.96 -24.69 37.68
N GLN A 775 -24.95 -23.87 38.04
CA GLN A 775 -26.09 -23.65 37.16
C GLN A 775 -25.66 -22.99 35.86
N ILE A 776 -24.77 -22.00 35.95
CA ILE A 776 -24.26 -21.32 34.75
C ILE A 776 -23.49 -22.31 33.88
N ARG A 777 -22.69 -23.17 34.51
CA ARG A 777 -21.95 -24.17 33.74
C ARG A 777 -22.89 -25.15 33.05
N LEU A 778 -23.95 -25.56 33.74
CA LEU A 778 -24.92 -26.46 33.13
C LEU A 778 -25.62 -25.80 31.95
N THR A 779 -26.00 -24.53 32.10
CA THR A 779 -26.63 -23.81 30.99
C THR A 779 -25.68 -23.66 29.82
N LEU A 780 -24.40 -23.37 30.09
CA LEU A 780 -23.42 -23.25 29.02
C LEU A 780 -23.21 -24.58 28.31
N ARG A 781 -23.18 -25.68 29.07
CA ARG A 781 -23.05 -27.00 28.46
C ARG A 781 -24.26 -27.33 27.60
N LYS A 782 -25.46 -26.99 28.06
CA LYS A 782 -26.66 -27.21 27.27
C LYS A 782 -26.62 -26.40 25.98
N PHE A 783 -26.16 -25.14 26.07
CA PHE A 783 -26.05 -24.32 24.87
C PHE A 783 -25.01 -24.89 23.91
N ASN A 784 -23.90 -25.39 24.44
CA ASN A 784 -22.81 -25.93 23.62
C ASN A 784 -23.00 -27.40 23.29
N ARG A 785 -24.11 -28.02 23.71
CA ARG A 785 -24.35 -29.43 23.42
C ARG A 785 -24.45 -29.70 21.92
N GLU A 786 -24.73 -28.67 21.12
CA GLU A 786 -24.78 -28.84 19.67
C GLU A 786 -23.42 -29.28 19.13
N ASN A 787 -22.34 -28.65 19.61
CA ASN A 787 -21.01 -29.01 19.13
C ASN A 787 -20.61 -30.40 19.61
N SER A 788 -20.63 -30.62 20.93
CA SER A 788 -20.30 -31.91 21.53
C SER A 788 -18.90 -32.39 21.10
N SER A 789 -17.92 -31.49 21.23
CA SER A 789 -16.54 -31.80 20.94
C SER A 789 -15.70 -31.43 22.16
N ASN A 790 -14.96 -32.39 22.71
CA ASN A 790 -14.19 -32.19 23.92
C ASN A 790 -12.69 -32.22 23.70
N ILE A 791 -12.22 -32.56 22.50
CA ILE A 791 -10.79 -32.62 22.24
C ILE A 791 -10.29 -31.27 21.74
N LEU A 792 -8.97 -31.14 21.68
CA LEU A 792 -8.29 -29.94 21.19
C LEU A 792 -8.63 -29.60 19.75
N ASP A 793 -9.25 -30.56 19.04
CA ASP A 793 -9.53 -30.37 17.62
C ASP A 793 -10.38 -29.12 17.38
N ASN A 794 -11.31 -28.83 18.29
CA ASN A 794 -12.09 -27.61 18.17
C ASN A 794 -11.21 -26.37 18.21
N LEU A 795 -10.24 -26.35 19.14
CA LEU A 795 -9.32 -25.23 19.22
C LEU A 795 -8.47 -25.12 17.95
N LEU A 796 -8.00 -26.25 17.43
CA LEU A 796 -7.21 -26.22 16.20
C LEU A 796 -8.01 -25.67 15.03
N SER A 797 -9.26 -26.12 14.89
CA SER A 797 -10.12 -25.63 13.83
C SER A 797 -10.38 -24.14 13.97
N ARG A 798 -10.64 -23.69 15.21
CA ARG A 798 -10.87 -22.27 15.45
C ARG A 798 -9.65 -21.44 15.05
N MET A 799 -8.46 -21.92 15.40
CA MET A 799 -7.24 -21.22 15.03
C MET A 799 -7.08 -21.17 13.51
N GLU A 800 -7.38 -22.28 12.83
CA GLU A 800 -7.26 -22.31 11.38
C GLU A 800 -8.22 -21.34 10.70
N GLN A 801 -9.47 -21.29 11.16
CA GLN A 801 -10.44 -20.35 10.58
C GLN A 801 -10.10 -18.91 10.92
N TYR A 802 -9.53 -18.66 12.10
CA TYR A 802 -9.01 -17.34 12.43
C TYR A 802 -7.89 -16.92 11.48
N ALA A 803 -6.98 -17.84 11.18
CA ALA A 803 -5.89 -17.55 10.24
C ALA A 803 -6.44 -17.26 8.85
N ASN A 804 -7.45 -18.02 8.42
CA ASN A 804 -8.07 -17.76 7.12
C ASN A 804 -8.70 -16.37 7.07
N ASN A 805 -9.39 -15.98 8.15
CA ASN A 805 -9.98 -14.64 8.21
C ASN A 805 -8.89 -13.58 8.12
N LEU A 806 -7.77 -13.80 8.82
CA LEU A 806 -6.66 -12.85 8.74
C LEU A 806 -6.13 -12.74 7.31
N GLU A 807 -6.01 -13.88 6.62
CA GLU A 807 -5.52 -13.86 5.24
C GLU A 807 -6.46 -13.08 4.33
N GLU A 808 -7.77 -13.24 4.53
CA GLU A 808 -8.74 -12.48 3.73
C GLU A 808 -8.56 -10.98 3.95
N LEU A 809 -8.40 -10.58 5.22
CA LEU A 809 -8.14 -9.16 5.50
C LEU A 809 -6.85 -8.69 4.82
N VAL A 810 -5.82 -9.53 4.82
CA VAL A 810 -4.55 -9.18 4.17
C VAL A 810 -4.78 -8.93 2.68
N GLU A 811 -5.54 -9.82 2.03
CA GLU A 811 -5.81 -9.66 0.60
C GLU A 811 -6.54 -8.35 0.34
N GLU A 812 -7.55 -8.04 1.15
CA GLU A 812 -8.28 -6.78 0.97
C GLU A 812 -7.32 -5.59 1.08
N ARG A 813 -6.45 -5.61 2.08
CA ARG A 813 -5.61 -4.44 2.32
C ARG A 813 -4.53 -4.29 1.24
N THR A 814 -3.98 -5.39 0.73
CA THR A 814 -3.03 -5.27 -0.36
C THR A 814 -3.71 -4.76 -1.63
N GLN A 815 -4.96 -5.17 -1.86
CA GLN A 815 -5.70 -4.60 -2.99
C GLN A 815 -5.85 -3.09 -2.84
N ALA A 816 -6.17 -2.63 -1.62
CA ALA A 816 -6.29 -1.20 -1.39
C ALA A 816 -4.97 -0.47 -1.63
N TYR A 817 -3.86 -1.07 -1.20
CA TYR A 817 -2.56 -0.43 -1.41
C TYR A 817 -2.23 -0.32 -2.89
N LEU A 818 -2.55 -1.37 -3.66
CA LEU A 818 -2.32 -1.30 -5.10
C LEU A 818 -3.16 -0.19 -5.74
N GLU A 819 -4.42 -0.06 -5.32
CA GLU A 819 -5.27 0.99 -5.86
C GLU A 819 -4.70 2.37 -5.52
N GLU A 820 -4.22 2.55 -4.29
CA GLU A 820 -3.64 3.84 -3.90
C GLU A 820 -2.40 4.18 -4.73
N LYS A 821 -1.53 3.19 -4.94
CA LYS A 821 -0.35 3.41 -5.76
C LYS A 821 -0.73 3.80 -7.19
N ARG A 822 -1.73 3.12 -7.75
CA ARG A 822 -2.20 3.46 -9.09
C ARG A 822 -2.73 4.89 -9.14
N LYS A 823 -3.47 5.30 -8.12
CA LYS A 823 -4.00 6.66 -8.07
C LYS A 823 -2.86 7.68 -8.03
N ALA A 824 -1.84 7.41 -7.22
CA ALA A 824 -0.69 8.32 -7.14
C ALA A 824 0.03 8.43 -8.48
N GLU A 825 0.22 7.28 -9.15
CA GLU A 825 0.87 7.29 -10.46
C GLU A 825 0.06 8.09 -11.47
N ALA A 826 -1.26 7.90 -11.47
CA ALA A 826 -2.11 8.66 -12.39
C ALA A 826 -2.03 10.16 -12.11
N LEU A 827 -1.97 10.53 -10.83
CA LEU A 827 -1.83 11.94 -10.48
C LEU A 827 -0.52 12.52 -10.98
N LEU A 828 0.57 11.74 -10.86
CA LEU A 828 1.92 12.25 -11.11
C LEU A 828 2.18 12.80 -12.51
N TYR A 829 1.33 12.48 -13.49
CA TYR A 829 1.61 12.81 -14.90
C TYR A 829 0.40 13.52 -15.54
N GLN A 830 -0.12 14.53 -14.85
CA GLN A 830 -1.29 15.24 -15.37
C GLN A 830 -0.96 16.20 -16.51
N ILE A 831 0.27 16.71 -16.58
CA ILE A 831 0.62 17.69 -17.60
C ILE A 831 1.03 17.06 -18.93
N LEU A 832 1.42 15.79 -18.93
CA LEU A 832 1.88 15.15 -20.16
C LEU A 832 0.75 15.05 -21.17
N PRO A 833 1.05 15.10 -22.46
CA PRO A 833 -0.02 15.13 -23.47
C PRO A 833 -0.65 13.77 -23.77
N HIS A 834 -0.97 13.02 -22.72
CA HIS A 834 -1.82 11.82 -22.82
C HIS A 834 -1.20 10.72 -23.68
N SER A 835 -0.02 10.97 -24.24
CA SER A 835 0.69 9.98 -25.03
C SER A 835 2.01 9.59 -24.40
N VAL A 836 2.86 10.56 -24.08
CA VAL A 836 4.06 10.28 -23.29
C VAL A 836 3.69 9.81 -21.90
N ALA A 837 2.53 10.25 -21.39
CA ALA A 837 2.08 9.81 -20.07
C ALA A 837 1.82 8.32 -20.05
N GLU A 838 1.17 7.79 -21.08
CA GLU A 838 0.89 6.36 -21.13
C GLU A 838 2.13 5.54 -21.48
N GLN A 839 3.15 6.16 -22.06
CA GLN A 839 4.37 5.46 -22.43
C GLN A 839 5.35 5.38 -21.27
N LEU A 840 5.64 6.50 -20.62
CA LEU A 840 6.56 6.50 -19.49
C LEU A 840 6.00 5.70 -18.31
N LYS A 841 4.67 5.64 -18.18
CA LYS A 841 4.07 4.85 -17.11
C LYS A 841 4.36 3.37 -17.30
N ARG A 842 4.28 2.88 -18.54
CA ARG A 842 4.50 1.46 -18.82
C ARG A 842 5.98 1.13 -19.02
N GLY A 843 6.80 1.56 -18.06
CA GLY A 843 8.21 1.19 -18.02
C GLY A 843 9.05 1.59 -19.22
N GLU A 844 8.46 2.29 -20.19
CA GLU A 844 9.18 2.65 -21.39
C GLU A 844 9.99 3.94 -21.17
N THR A 845 10.76 4.32 -22.18
CA THR A 845 11.58 5.53 -22.14
C THR A 845 11.30 6.36 -23.38
N VAL A 846 11.24 7.68 -23.19
CA VAL A 846 10.94 8.63 -24.27
C VAL A 846 12.20 9.45 -24.53
N GLN A 847 12.68 9.41 -25.77
CA GLN A 847 13.85 10.17 -26.19
C GLN A 847 13.42 11.45 -26.90
N ALA A 848 14.37 12.36 -27.07
CA ALA A 848 14.11 13.60 -27.76
C ALA A 848 13.76 13.34 -29.22
N GLU A 849 12.90 14.20 -29.77
CA GLU A 849 12.41 14.02 -31.13
C GLU A 849 12.39 15.37 -31.84
N ALA A 850 12.50 15.32 -33.17
CA ALA A 850 12.38 16.49 -34.02
C ALA A 850 11.33 16.19 -35.08
N PHE A 851 10.36 17.10 -35.23
CA PHE A 851 9.25 16.92 -36.15
C PHE A 851 9.35 17.89 -37.31
N ASP A 852 9.01 17.36 -38.50
CA ASP A 852 9.25 18.09 -39.75
C ASP A 852 8.30 19.27 -39.90
N SER A 853 7.04 19.11 -39.51
CA SER A 853 6.05 20.17 -39.69
C SER A 853 5.03 20.09 -38.58
N VAL A 854 4.92 21.16 -37.79
CA VAL A 854 3.93 21.29 -36.73
C VAL A 854 3.32 22.68 -36.81
N THR A 855 2.12 22.80 -36.23
CA THR A 855 1.36 24.04 -36.25
C THR A 855 1.30 24.63 -34.84
N ILE A 856 1.63 25.91 -34.73
CA ILE A 856 1.63 26.63 -33.46
C ILE A 856 0.64 27.77 -33.56
N TYR A 857 -0.24 27.88 -32.56
CA TYR A 857 -1.27 28.89 -32.52
C TYR A 857 -1.16 29.68 -31.22
N PHE A 858 -1.22 31.00 -31.34
CA PHE A 858 -1.13 31.92 -30.21
C PHE A 858 -2.45 32.66 -30.05
N SER A 859 -2.87 32.81 -28.80
CA SER A 859 -4.04 33.60 -28.44
C SER A 859 -3.67 34.54 -27.31
N ASP A 860 -4.00 35.81 -27.47
CA ASP A 860 -3.64 36.82 -26.47
C ASP A 860 -4.81 37.78 -26.26
N ILE A 861 -4.96 38.24 -25.02
CA ILE A 861 -5.98 39.23 -24.70
C ILE A 861 -5.47 40.61 -25.10
N VAL A 862 -6.24 41.31 -25.93
CA VAL A 862 -5.84 42.62 -26.44
C VAL A 862 -6.25 43.67 -25.44
N GLY A 863 -5.29 44.52 -25.03
CA GLY A 863 -5.58 45.59 -24.10
C GLY A 863 -6.02 45.11 -22.73
N PHE A 864 -5.52 43.96 -22.28
CA PHE A 864 -5.90 43.43 -20.98
C PHE A 864 -5.22 44.18 -19.83
N THR A 865 -4.14 44.90 -20.12
CA THR A 865 -3.42 45.64 -19.08
C THR A 865 -4.20 46.82 -18.54
N ALA A 866 -5.30 47.22 -19.21
CA ALA A 866 -6.12 48.33 -18.75
C ALA A 866 -7.43 47.89 -18.11
N LEU A 867 -8.02 46.80 -18.56
CA LEU A 867 -9.25 46.31 -17.96
C LEU A 867 -9.01 45.87 -16.51
N SER A 868 -7.88 45.22 -16.26
CA SER A 868 -7.54 44.77 -14.91
C SER A 868 -7.08 45.91 -14.00
N ALA A 869 -6.79 47.08 -14.56
CA ALA A 869 -6.36 48.20 -13.73
C ALA A 869 -7.50 48.71 -12.86
N GLU A 870 -8.66 48.93 -13.47
CA GLU A 870 -9.83 49.43 -12.74
C GLU A 870 -10.76 48.27 -12.39
N SER A 871 -10.32 47.50 -11.40
CA SER A 871 -11.08 46.34 -10.93
C SER A 871 -10.46 45.86 -9.62
N THR A 872 -11.32 45.44 -8.70
CA THR A 872 -10.85 44.89 -7.44
C THR A 872 -10.21 43.52 -7.68
N PRO A 873 -9.27 43.11 -6.82
CA PRO A 873 -8.69 41.77 -6.97
C PRO A 873 -9.71 40.66 -6.89
N MET A 874 -10.76 40.83 -6.08
CA MET A 874 -11.85 39.85 -6.09
C MET A 874 -12.69 39.98 -7.36
N GLN A 875 -12.72 41.17 -7.96
CA GLN A 875 -13.44 41.38 -9.21
C GLN A 875 -12.57 41.12 -10.43
N VAL A 876 -11.29 40.85 -10.24
CA VAL A 876 -10.38 40.53 -11.35
C VAL A 876 -9.88 39.10 -11.32
N VAL A 877 -10.16 38.35 -10.26
CA VAL A 877 -9.78 36.94 -10.20
C VAL A 877 -10.91 36.02 -10.61
N THR A 878 -12.15 36.51 -10.66
CA THR A 878 -13.28 35.73 -11.12
C THR A 878 -13.51 35.85 -12.63
N LEU A 879 -12.76 36.70 -13.31
CA LEU A 879 -12.86 36.86 -14.75
C LEU A 879 -11.85 35.99 -15.49
N LEU A 880 -10.57 36.03 -15.07
CA LEU A 880 -9.58 35.16 -15.67
C LEU A 880 -9.85 33.69 -15.38
N ASN A 881 -10.62 33.39 -14.33
CA ASN A 881 -11.05 32.03 -14.05
C ASN A 881 -12.31 31.65 -14.82
N ASP A 882 -13.12 32.64 -15.23
CA ASP A 882 -14.32 32.38 -16.01
C ASP A 882 -14.03 32.25 -17.50
N LEU A 883 -12.83 32.63 -17.94
CA LEU A 883 -12.44 32.44 -19.34
C LEU A 883 -11.71 31.12 -19.56
N TYR A 884 -11.08 30.58 -18.52
CA TYR A 884 -10.47 29.26 -18.65
C TYR A 884 -11.52 28.18 -18.81
N THR A 885 -12.65 28.31 -18.11
CA THR A 885 -13.74 27.35 -18.23
C THR A 885 -14.54 27.53 -19.50
N CYS A 886 -14.37 28.64 -20.21
CA CYS A 886 -15.04 28.85 -21.49
C CYS A 886 -14.20 28.37 -22.67
N PHE A 887 -12.88 28.43 -22.56
CA PHE A 887 -12.00 27.96 -23.63
C PHE A 887 -11.67 26.49 -23.51
N ASP A 888 -11.56 25.97 -22.28
CA ASP A 888 -11.27 24.55 -22.11
C ASP A 888 -12.40 23.65 -22.60
N ALA A 889 -13.62 24.20 -22.72
CA ALA A 889 -14.73 23.45 -23.29
C ALA A 889 -14.69 23.39 -24.81
N VAL A 890 -13.89 24.24 -25.44
CA VAL A 890 -13.72 24.22 -26.89
C VAL A 890 -12.33 23.80 -27.30
N ILE A 891 -11.31 23.99 -26.45
CA ILE A 891 -9.95 23.58 -26.78
C ILE A 891 -9.73 22.09 -26.60
N ASP A 892 -10.74 21.35 -26.12
CA ASP A 892 -10.63 19.91 -25.97
C ASP A 892 -11.41 19.14 -27.03
N ASN A 893 -12.35 19.79 -27.72
CA ASN A 893 -13.10 19.11 -28.77
C ASN A 893 -12.20 18.69 -29.93
N PHE A 894 -11.29 19.57 -30.33
CA PHE A 894 -10.39 19.28 -31.44
C PHE A 894 -9.12 18.60 -30.92
N ASP A 895 -8.33 18.07 -31.86
CA ASP A 895 -7.11 17.34 -31.52
C ASP A 895 -5.94 18.31 -31.48
N VAL A 896 -5.92 19.12 -30.43
CA VAL A 896 -4.84 20.06 -30.16
C VAL A 896 -4.34 19.83 -28.75
N TYR A 897 -3.31 20.58 -28.36
CA TYR A 897 -2.73 20.46 -27.04
C TYR A 897 -2.32 21.83 -26.52
N LYS A 898 -2.57 22.07 -25.24
CA LYS A 898 -2.19 23.31 -24.56
C LYS A 898 -0.89 23.03 -23.80
N VAL A 899 0.22 23.54 -24.30
CA VAL A 899 1.51 23.29 -23.69
C VAL A 899 1.69 24.15 -22.44
N GLU A 900 1.56 25.47 -22.60
CA GLU A 900 1.76 26.41 -21.50
C GLU A 900 0.61 27.39 -21.44
N THR A 901 0.39 27.95 -20.26
CA THR A 901 -0.67 28.95 -20.05
C THR A 901 -0.26 29.81 -18.87
N ILE A 902 0.13 31.05 -19.14
CA ILE A 902 0.55 31.98 -18.10
C ILE A 902 -0.28 33.25 -18.27
N GLY A 903 -1.36 33.36 -17.50
CA GLY A 903 -2.22 34.52 -17.57
C GLY A 903 -3.13 34.53 -18.78
N ASP A 904 -2.92 35.49 -19.69
CA ASP A 904 -3.79 35.63 -20.85
C ASP A 904 -3.27 34.91 -22.08
N ALA A 905 -1.95 34.85 -22.26
CA ALA A 905 -1.39 34.20 -23.45
C ALA A 905 -1.61 32.70 -23.40
N TYR A 906 -1.87 32.11 -24.56
CA TYR A 906 -2.08 30.67 -24.68
C TYR A 906 -0.98 30.04 -25.54
N MET A 907 -1.11 28.73 -25.73
CA MET A 907 -0.13 27.93 -26.46
C MET A 907 -0.87 26.77 -27.08
N VAL A 908 -0.87 26.66 -28.41
CA VAL A 908 -1.45 25.51 -29.08
C VAL A 908 -0.41 24.90 -30.01
N VAL A 909 -0.18 23.60 -29.85
CA VAL A 909 0.70 22.83 -30.72
C VAL A 909 -0.10 21.67 -31.29
N SER A 910 0.00 21.47 -32.60
CA SER A 910 -0.76 20.45 -33.30
C SER A 910 0.16 19.36 -33.81
N GLY A 911 -0.15 18.11 -33.49
CA GLY A 911 0.60 16.97 -33.98
C GLY A 911 1.87 16.66 -33.22
N LEU A 912 2.16 17.38 -32.14
CA LEU A 912 3.40 17.13 -31.40
C LEU A 912 3.48 15.72 -30.82
N PRO A 913 2.46 15.19 -30.12
CA PRO A 913 2.60 13.84 -29.54
C PRO A 913 2.77 12.76 -30.60
N VAL A 914 1.83 12.68 -31.53
CA VAL A 914 1.88 11.71 -32.62
C VAL A 914 1.68 12.46 -33.92
N ARG A 915 2.54 12.19 -34.91
CA ARG A 915 2.47 12.90 -36.17
C ARG A 915 1.16 12.59 -36.89
N ASN A 916 0.54 13.63 -37.43
CA ASN A 916 -0.69 13.50 -38.19
C ASN A 916 -0.51 13.76 -39.67
N GLY A 917 0.72 13.98 -40.13
CA GLY A 917 0.97 14.22 -41.54
C GLY A 917 0.62 15.64 -41.95
N ARG A 918 -0.28 15.77 -42.91
CA ARG A 918 -0.72 17.08 -43.40
C ARG A 918 -1.98 17.57 -42.69
N LEU A 919 -2.54 16.78 -41.77
CA LEU A 919 -3.72 17.22 -41.03
C LEU A 919 -3.39 18.24 -39.96
N HIS A 920 -2.12 18.35 -39.56
CA HIS A 920 -1.75 19.27 -38.48
C HIS A 920 -2.02 20.72 -38.85
N ALA A 921 -2.07 21.05 -40.13
CA ALA A 921 -2.37 22.40 -40.58
C ALA A 921 -3.85 22.64 -40.78
N CYS A 922 -4.70 21.66 -40.51
CA CYS A 922 -6.15 21.79 -40.68
C CYS A 922 -6.90 21.96 -39.36
N GLU A 923 -6.48 21.24 -38.31
CA GLU A 923 -7.16 21.37 -37.03
C GLU A 923 -6.75 22.63 -36.30
N VAL A 924 -5.52 23.12 -36.53
CA VAL A 924 -5.07 24.34 -35.86
C VAL A 924 -5.64 25.60 -36.49
N ALA A 925 -6.30 25.49 -37.64
CA ALA A 925 -6.95 26.62 -38.28
C ALA A 925 -8.45 26.65 -38.04
N ARG A 926 -9.08 25.49 -37.86
CA ARG A 926 -10.49 25.43 -37.51
C ARG A 926 -10.73 25.70 -36.04
N MET A 927 -9.69 25.67 -35.20
CA MET A 927 -9.87 25.96 -33.78
C MET A 927 -10.03 27.46 -33.53
N ALA A 928 -9.32 28.30 -34.27
CA ALA A 928 -9.47 29.74 -34.07
C ALA A 928 -10.83 30.23 -34.54
N LEU A 929 -11.33 29.68 -35.65
CA LEU A 929 -12.63 30.09 -36.16
C LEU A 929 -13.76 29.70 -35.22
N ALA A 930 -13.62 28.56 -34.54
CA ALA A 930 -14.61 28.15 -33.55
C ALA A 930 -14.38 28.80 -32.19
N LEU A 931 -13.22 29.42 -31.97
CA LEU A 931 -12.96 30.15 -30.74
C LEU A 931 -13.16 31.65 -30.87
N LEU A 932 -13.10 32.19 -32.09
CA LEU A 932 -13.34 33.61 -32.28
C LEU A 932 -14.82 33.95 -32.17
N ASP A 933 -15.69 33.02 -32.55
CA ASP A 933 -17.13 33.22 -32.39
C ASP A 933 -17.63 32.80 -31.01
N ALA A 934 -16.92 31.90 -30.34
CA ALA A 934 -17.29 31.51 -28.98
C ALA A 934 -16.85 32.53 -27.95
N VAL A 935 -16.00 33.49 -28.32
CA VAL A 935 -15.59 34.56 -27.41
C VAL A 935 -16.35 35.85 -27.66
N ARG A 936 -17.14 35.92 -28.73
CA ARG A 936 -17.96 37.11 -29.00
C ARG A 936 -19.27 37.11 -28.22
N SER A 937 -19.59 36.01 -27.53
CA SER A 937 -20.77 35.92 -26.69
C SER A 937 -20.38 35.59 -25.25
N PHE A 938 -19.21 36.04 -24.82
CA PHE A 938 -18.71 35.79 -23.47
C PHE A 938 -19.09 36.96 -22.58
N ARG A 939 -19.73 36.66 -21.45
CA ARG A 939 -20.22 37.68 -20.54
C ARG A 939 -19.15 37.98 -19.49
N ILE A 940 -18.77 39.25 -19.38
CA ILE A 940 -17.85 39.73 -18.37
C ILE A 940 -18.66 40.31 -17.23
N ARG A 941 -18.56 39.70 -16.05
CA ARG A 941 -19.36 40.13 -14.91
C ARG A 941 -18.97 41.52 -14.43
N HIS A 942 -17.72 41.93 -14.67
CA HIS A 942 -17.30 43.27 -14.28
C HIS A 942 -17.99 44.35 -15.10
N ARG A 943 -18.33 44.05 -16.35
CA ARG A 943 -19.01 45.00 -17.23
C ARG A 943 -19.80 44.22 -18.27
N PRO A 944 -21.10 44.02 -18.04
CA PRO A 944 -21.89 43.20 -18.97
C PRO A 944 -22.07 43.82 -20.35
N GLN A 945 -21.85 45.12 -20.50
CA GLN A 945 -22.05 45.82 -21.77
C GLN A 945 -20.73 46.06 -22.50
N GLU A 946 -19.78 45.15 -22.37
CA GLU A 946 -18.48 45.27 -23.03
C GLU A 946 -18.12 43.95 -23.68
N GLN A 947 -17.32 44.03 -24.75
CA GLN A 947 -16.87 42.87 -25.50
C GLN A 947 -15.35 42.81 -25.46
N LEU A 948 -14.82 41.65 -25.04
CA LEU A 948 -13.38 41.47 -24.96
C LEU A 948 -12.78 41.34 -26.37
N ARG A 949 -11.54 41.78 -26.50
CA ARG A 949 -10.81 41.72 -27.77
C ARG A 949 -9.66 40.75 -27.64
N LEU A 950 -9.57 39.80 -28.57
CA LEU A 950 -8.54 38.79 -28.57
C LEU A 950 -7.81 38.77 -29.91
N ARG A 951 -6.50 38.59 -29.86
CA ARG A 951 -5.66 38.48 -31.05
C ARG A 951 -5.23 37.03 -31.21
N ILE A 952 -5.35 36.51 -32.43
CA ILE A 952 -5.09 35.10 -32.72
C ILE A 952 -4.13 35.01 -33.90
N GLY A 953 -3.08 34.23 -33.75
CA GLY A 953 -2.11 34.03 -34.81
C GLY A 953 -1.80 32.56 -34.99
N ILE A 954 -1.48 32.19 -36.23
CA ILE A 954 -1.20 30.79 -36.56
C ILE A 954 0.04 30.74 -37.44
N HIS A 955 0.87 29.73 -37.21
CA HIS A 955 2.07 29.53 -38.03
C HIS A 955 2.37 28.04 -38.10
N THR A 956 3.12 27.65 -39.12
CA THR A 956 3.50 26.25 -39.32
C THR A 956 4.99 26.16 -39.63
N GLY A 957 5.63 25.10 -39.15
CA GLY A 957 7.04 24.88 -39.41
C GLY A 957 7.64 23.75 -38.60
N PRO A 958 8.89 23.40 -38.89
CA PRO A 958 9.55 22.33 -38.15
C PRO A 958 9.80 22.73 -36.70
N VAL A 959 9.87 21.71 -35.84
CA VAL A 959 10.04 21.91 -34.41
C VAL A 959 10.87 20.77 -33.84
N CYS A 960 11.27 20.90 -32.57
CA CYS A 960 11.96 19.85 -31.84
C CYS A 960 11.48 19.87 -30.40
N ALA A 961 11.08 18.71 -29.89
CA ALA A 961 10.52 18.61 -28.55
C ALA A 961 11.04 17.38 -27.84
N GLY A 962 10.79 17.32 -26.54
CA GLY A 962 11.20 16.20 -25.73
C GLY A 962 10.75 16.41 -24.30
N VAL A 963 10.83 15.34 -23.51
CA VAL A 963 10.38 15.35 -22.12
C VAL A 963 11.45 16.03 -21.27
N VAL A 964 11.05 17.09 -20.56
CA VAL A 964 11.97 17.86 -19.73
C VAL A 964 11.39 17.96 -18.32
N GLY A 965 12.21 17.69 -17.32
CA GLY A 965 11.80 17.82 -15.93
C GLY A 965 11.95 16.54 -15.14
N LEU A 966 12.30 16.67 -13.86
CA LEU A 966 12.45 15.52 -12.98
C LEU A 966 11.52 15.57 -11.77
N LYS A 967 11.39 16.72 -11.12
CA LYS A 967 10.45 16.85 -10.02
C LYS A 967 9.02 16.89 -10.52
N MET A 968 8.76 17.66 -11.57
CA MET A 968 7.44 17.76 -12.19
C MET A 968 7.62 17.75 -13.71
N PRO A 969 7.28 16.65 -14.38
CA PRO A 969 7.53 16.54 -15.82
C PRO A 969 6.73 17.54 -16.62
N ARG A 970 7.44 18.45 -17.29
CA ARG A 970 6.84 19.39 -18.23
C ARG A 970 7.09 18.91 -19.65
N TYR A 971 6.73 19.74 -20.63
CA TYR A 971 6.93 19.38 -22.03
C TYR A 971 7.16 20.68 -22.81
N CYS A 972 8.42 20.95 -23.13
CA CYS A 972 8.80 22.18 -23.83
C CYS A 972 9.03 21.92 -25.31
N LEU A 973 8.74 22.93 -26.12
CA LEU A 973 8.97 22.89 -27.56
C LEU A 973 10.08 23.89 -27.89
N PHE A 974 11.12 23.41 -28.56
CA PHE A 974 12.31 24.21 -28.84
C PHE A 974 12.53 24.25 -30.35
N GLY A 975 12.29 25.40 -30.96
CA GLY A 975 12.52 25.58 -32.37
C GLY A 975 12.54 27.05 -32.73
N ASP A 976 13.05 27.34 -33.93
CA ASP A 976 13.10 28.70 -34.44
C ASP A 976 11.74 29.20 -34.91
N THR A 977 10.79 28.30 -35.13
CA THR A 977 9.47 28.72 -35.60
C THR A 977 8.67 29.39 -34.49
N VAL A 978 8.97 29.08 -33.23
CA VAL A 978 8.24 29.65 -32.11
C VAL A 978 8.44 31.16 -32.06
N ASN A 979 9.67 31.63 -32.25
CA ASN A 979 9.95 33.05 -32.23
C ASN A 979 9.24 33.77 -33.37
N THR A 980 9.25 33.18 -34.57
CA THR A 980 8.56 33.79 -35.70
C THR A 980 7.05 33.85 -35.46
N ALA A 981 6.48 32.79 -34.88
CA ALA A 981 5.06 32.79 -34.57
C ALA A 981 4.74 33.87 -33.53
N SER A 982 5.59 34.02 -32.52
CA SER A 982 5.38 35.06 -31.52
C SER A 982 5.44 36.45 -32.14
N ARG A 983 6.42 36.67 -33.03
CA ARG A 983 6.53 37.97 -33.70
C ARG A 983 5.30 38.25 -34.55
N MET A 984 4.81 37.23 -35.27
CA MET A 984 3.62 37.41 -36.09
C MET A 984 2.40 37.70 -35.23
N GLU A 985 2.26 36.99 -34.11
CA GLU A 985 1.10 37.20 -33.24
C GLU A 985 1.13 38.57 -32.58
N SER A 986 2.32 39.05 -32.22
CA SER A 986 2.42 40.36 -31.59
C SER A 986 1.94 41.46 -32.53
N ASN A 987 2.31 41.40 -33.80
CA ASN A 987 1.89 42.38 -34.79
C ASN A 987 0.63 41.88 -35.51
N GLY A 988 -0.46 41.86 -34.75
CA GLY A 988 -1.73 41.40 -35.28
C GLY A 988 -2.91 42.21 -34.81
N GLU A 989 -3.84 42.50 -35.73
CA GLU A 989 -5.04 43.27 -35.37
C GLU A 989 -6.00 42.42 -34.56
N ALA A 990 -6.79 43.09 -33.73
CA ALA A 990 -7.75 42.41 -32.87
C ALA A 990 -8.93 41.89 -33.69
N LEU A 991 -9.60 40.87 -33.14
CA LEU A 991 -10.79 40.28 -33.74
C LEU A 991 -10.50 39.76 -35.16
N LYS A 992 -9.32 39.21 -35.36
CA LYS A 992 -8.93 38.67 -36.65
C LYS A 992 -7.86 37.62 -36.45
N ILE A 993 -7.81 36.63 -37.35
CA ILE A 993 -6.85 35.55 -37.30
C ILE A 993 -5.76 35.83 -38.34
N HIS A 994 -4.52 35.96 -37.88
CA HIS A 994 -3.39 36.27 -38.75
C HIS A 994 -2.60 35.00 -39.03
N LEU A 995 -2.43 34.67 -40.31
CA LEU A 995 -1.73 33.46 -40.72
C LEU A 995 -0.52 33.83 -41.57
N SER A 996 0.46 32.93 -41.58
CA SER A 996 1.68 33.11 -42.34
C SER A 996 1.59 32.40 -43.69
N SER A 997 2.58 32.66 -44.55
CA SER A 997 2.58 32.08 -45.89
C SER A 997 2.67 30.56 -45.84
N GLU A 998 3.48 30.02 -44.91
CA GLU A 998 3.62 28.58 -44.83
C GLU A 998 2.30 27.90 -44.50
N THR A 999 1.54 28.46 -43.57
CA THR A 999 0.21 27.93 -43.27
C THR A 999 -0.73 28.12 -44.45
N LYS A 1000 -0.61 29.26 -45.14
CA LYS A 1000 -1.46 29.54 -46.30
C LYS A 1000 -1.23 28.53 -47.41
N ALA A 1001 0.00 28.02 -47.55
CA ALA A 1001 0.26 27.00 -48.57
C ALA A 1001 -0.58 25.76 -48.32
N VAL A 1002 -0.57 25.25 -47.10
CA VAL A 1002 -1.38 24.08 -46.77
C VAL A 1002 -2.86 24.41 -46.85
N LEU A 1003 -3.26 25.63 -46.47
CA LEU A 1003 -4.65 26.02 -46.56
C LEU A 1003 -5.15 25.98 -47.99
N GLU A 1004 -4.34 26.50 -48.93
CA GLU A 1004 -4.69 26.44 -50.34
C GLU A 1004 -4.64 25.01 -50.87
N GLU A 1005 -3.72 24.20 -50.35
CA GLU A 1005 -3.64 22.80 -50.77
C GLU A 1005 -4.92 22.05 -50.39
N PHE A 1006 -5.43 22.29 -49.18
CA PHE A 1006 -6.64 21.59 -48.75
C PHE A 1006 -7.89 22.20 -49.38
N GLY A 1007 -8.11 23.49 -49.16
CA GLY A 1007 -9.22 24.19 -49.77
C GLY A 1007 -10.48 24.15 -48.91
N GLY A 1008 -11.40 25.07 -49.23
CA GLY A 1008 -12.64 25.19 -48.51
C GLY A 1008 -12.69 26.31 -47.50
N PHE A 1009 -11.62 27.07 -47.35
CA PHE A 1009 -11.56 28.18 -46.41
C PHE A 1009 -11.23 29.46 -47.17
N GLU A 1010 -11.92 30.55 -46.82
CA GLU A 1010 -11.77 31.83 -47.50
C GLU A 1010 -10.71 32.64 -46.78
N LEU A 1011 -9.51 32.68 -47.35
CA LEU A 1011 -8.42 33.51 -46.85
C LEU A 1011 -8.27 34.75 -47.73
N GLU A 1012 -7.68 35.79 -47.15
CA GLU A 1012 -7.54 37.07 -47.84
C GLU A 1012 -6.11 37.57 -47.75
N LEU A 1013 -5.60 38.12 -48.85
CA LEU A 1013 -4.29 38.75 -48.83
C LEU A 1013 -4.36 40.08 -48.10
N ARG A 1014 -3.40 40.31 -47.20
CA ARG A 1014 -3.35 41.53 -46.42
C ARG A 1014 -2.32 42.52 -46.96
N GLY A 1015 -1.10 42.06 -47.25
CA GLY A 1015 -0.07 42.92 -47.77
C GLY A 1015 1.28 42.68 -47.15
N ASP A 1016 2.32 42.55 -47.98
CA ASP A 1016 3.68 42.32 -47.50
C ASP A 1016 4.37 43.67 -47.19
N VAL A 1017 3.80 44.38 -46.21
CA VAL A 1017 4.29 45.68 -45.79
C VAL A 1017 4.60 45.69 -44.30
N GLU A 1018 3.63 45.34 -43.47
CA GLU A 1018 3.79 45.36 -42.01
C GLU A 1018 4.47 44.07 -41.58
N MET A 1019 5.78 44.15 -41.31
CA MET A 1019 6.54 43.00 -40.84
C MET A 1019 7.60 43.48 -39.87
N LYS A 1020 7.82 42.71 -38.81
CA LYS A 1020 8.78 43.04 -37.77
C LYS A 1020 9.82 41.92 -37.66
N GLY A 1021 11.06 42.31 -37.44
CA GLY A 1021 12.15 41.34 -37.36
C GLY A 1021 12.62 40.80 -38.68
N LYS A 1022 12.13 41.32 -39.79
CA LYS A 1022 12.50 40.85 -41.12
C LYS A 1022 12.22 41.98 -42.11
N GLY A 1023 12.24 41.65 -43.40
CA GLY A 1023 11.96 42.63 -44.43
C GLY A 1023 10.49 42.74 -44.75
N LYS A 1024 10.11 42.40 -45.97
CA LYS A 1024 8.71 42.41 -46.40
C LYS A 1024 8.24 40.97 -46.53
N VAL A 1025 7.37 40.55 -45.61
CA VAL A 1025 6.86 39.18 -45.56
C VAL A 1025 5.34 39.23 -45.69
N ARG A 1026 4.80 38.41 -46.59
CA ARG A 1026 3.37 38.39 -46.82
C ARG A 1026 2.67 37.57 -45.76
N THR A 1027 1.65 38.16 -45.13
CA THR A 1027 0.82 37.49 -44.15
C THR A 1027 -0.65 37.68 -44.53
N TYR A 1028 -1.45 36.65 -44.30
CA TYR A 1028 -2.83 36.64 -44.74
C TYR A 1028 -3.80 36.69 -43.56
N TRP A 1029 -5.05 37.01 -43.89
CA TRP A 1029 -6.15 37.09 -42.93
C TRP A 1029 -7.06 35.89 -43.12
N LEU A 1030 -7.50 35.30 -42.01
CA LEU A 1030 -8.44 34.19 -42.05
C LEU A 1030 -9.85 34.73 -41.88
N LEU A 1031 -10.72 34.47 -42.85
CA LEU A 1031 -12.07 35.00 -42.85
C LEU A 1031 -13.14 33.97 -42.59
N GLY A 1032 -12.86 32.68 -42.78
CA GLY A 1032 -13.83 31.64 -42.50
C GLY A 1032 -13.73 30.50 -43.51
N GLU A 1033 -14.31 29.37 -43.16
CA GLU A 1033 -14.35 28.19 -44.01
C GLU A 1033 -15.80 27.81 -44.27
N ARG A 1034 -16.12 27.57 -45.54
CA ARG A 1034 -17.48 27.20 -45.92
C ARG A 1034 -17.85 25.83 -45.40
N SER B 484 -20.99 -52.50 -9.66
CA SER B 484 -20.49 -51.13 -9.67
C SER B 484 -19.58 -50.88 -8.47
N GLU B 485 -18.60 -50.01 -8.66
CA GLU B 485 -17.65 -49.66 -7.60
C GLU B 485 -18.15 -48.54 -6.71
N LEU B 486 -19.35 -48.00 -6.98
CA LEU B 486 -19.91 -46.89 -6.22
C LEU B 486 -19.00 -45.67 -6.23
N TRP B 487 -18.27 -45.48 -7.33
CA TRP B 487 -17.36 -44.35 -7.48
C TRP B 487 -17.49 -43.71 -8.85
N ARG B 488 -18.70 -43.70 -9.41
CA ARG B 488 -18.97 -43.09 -10.71
C ARG B 488 -19.89 -41.90 -10.48
N VAL B 489 -19.27 -40.74 -10.21
CA VAL B 489 -20.04 -39.51 -10.01
C VAL B 489 -20.65 -39.08 -11.33
N ARG B 490 -21.94 -38.74 -11.29
CA ARG B 490 -22.66 -38.37 -12.50
C ARG B 490 -22.40 -36.91 -12.86
N TRP B 491 -22.10 -36.66 -14.14
CA TRP B 491 -21.95 -35.30 -14.62
C TRP B 491 -23.25 -34.51 -14.46
N GLU B 492 -24.40 -35.18 -14.53
CA GLU B 492 -25.68 -34.50 -14.42
C GLU B 492 -26.04 -34.13 -12.99
N ASP B 493 -25.56 -34.90 -12.01
CA ASP B 493 -25.98 -34.69 -10.63
C ASP B 493 -25.58 -33.32 -10.10
N VAL B 494 -24.27 -33.08 -9.94
CA VAL B 494 -23.78 -31.77 -9.55
C VAL B 494 -22.50 -31.47 -10.35
N GLU B 495 -22.64 -30.75 -11.46
CA GLU B 495 -21.46 -30.28 -12.16
C GLU B 495 -20.86 -29.05 -11.49
N PRO B 496 -21.62 -27.93 -11.35
CA PRO B 496 -21.02 -26.72 -10.76
C PRO B 496 -21.30 -26.55 -9.28
N SER B 497 -20.29 -26.14 -8.52
CA SER B 497 -20.44 -25.77 -7.12
C SER B 497 -19.14 -25.13 -6.65
N SER B 498 -19.26 -24.02 -5.91
CA SER B 498 -18.11 -23.29 -5.39
C SER B 498 -17.16 -22.92 -6.53
N LEU B 499 -17.67 -22.04 -7.40
CA LEU B 499 -17.08 -21.76 -8.70
C LEU B 499 -15.56 -21.61 -8.66
N GLU B 500 -15.06 -20.62 -7.93
CA GLU B 500 -13.61 -20.40 -7.90
C GLU B 500 -13.26 -19.42 -6.80
N ARG B 501 -12.17 -19.71 -6.09
CA ARG B 501 -11.48 -18.77 -5.23
C ARG B 501 -9.99 -18.88 -5.54
N HIS B 502 -9.33 -17.75 -5.73
CA HIS B 502 -7.94 -17.75 -6.16
C HIS B 502 -7.07 -18.50 -5.15
N LEU B 503 -6.37 -19.54 -5.64
CA LEU B 503 -5.56 -20.36 -4.76
C LEU B 503 -4.33 -19.60 -4.25
N ARG B 504 -3.79 -18.70 -5.06
CA ARG B 504 -2.62 -17.91 -4.66
C ARG B 504 -3.05 -16.74 -3.77
N SER B 505 -3.69 -17.09 -2.65
CA SER B 505 -4.17 -16.11 -1.68
C SER B 505 -2.98 -15.65 -0.83
N ALA B 506 -2.16 -14.81 -1.43
CA ALA B 506 -0.95 -14.29 -0.79
C ALA B 506 -0.58 -12.97 -1.47
N GLY B 507 0.63 -12.50 -1.21
CA GLY B 507 1.11 -11.28 -1.82
C GLY B 507 1.13 -11.33 -3.33
N SER B 508 0.52 -10.33 -3.96
CA SER B 508 0.44 -10.28 -5.42
C SER B 508 1.26 -9.11 -5.97
N TYR B 537 -16.83 -29.28 -6.27
CA TYR B 537 -17.60 -29.51 -5.06
C TYR B 537 -18.90 -30.25 -5.36
N TYR B 538 -19.21 -31.28 -4.55
CA TYR B 538 -20.48 -31.99 -4.70
C TYR B 538 -20.94 -32.46 -3.32
N LYS B 539 -21.72 -31.60 -2.66
CA LYS B 539 -22.56 -31.95 -1.52
C LYS B 539 -21.79 -32.36 -0.27
N GLY B 540 -20.47 -32.53 -0.37
CA GLY B 540 -19.71 -32.84 0.83
C GLY B 540 -18.71 -31.76 1.24
N ASN B 541 -18.04 -31.20 0.24
CA ASN B 541 -17.01 -30.17 0.44
C ASN B 541 -16.58 -29.70 -0.95
N LEU B 542 -15.58 -28.82 -0.97
CA LEU B 542 -14.97 -28.45 -2.24
C LEU B 542 -14.23 -29.65 -2.83
N VAL B 543 -14.34 -29.81 -4.15
CA VAL B 543 -13.74 -30.94 -4.85
C VAL B 543 -12.88 -30.42 -6.00
N ALA B 544 -11.96 -31.29 -6.44
CA ALA B 544 -11.06 -30.93 -7.53
C ALA B 544 -11.80 -30.91 -8.86
N VAL B 545 -11.29 -30.09 -9.78
CA VAL B 545 -11.87 -29.94 -11.11
C VAL B 545 -10.80 -30.34 -12.12
N LYS B 546 -10.88 -31.57 -12.63
CA LYS B 546 -9.96 -32.03 -13.66
C LYS B 546 -10.74 -32.70 -14.79
N ARG B 547 -10.03 -33.29 -15.74
CA ARG B 547 -10.68 -33.90 -16.89
C ARG B 547 -9.69 -34.89 -17.54
N VAL B 548 -10.08 -35.44 -18.68
CA VAL B 548 -9.26 -36.38 -19.42
C VAL B 548 -9.63 -36.30 -20.89
N ASN B 549 -8.66 -36.58 -21.76
CA ASN B 549 -8.85 -36.49 -23.20
C ASN B 549 -9.16 -37.84 -23.83
N ARG B 550 -9.39 -38.88 -23.03
CA ARG B 550 -9.70 -40.19 -23.58
C ARG B 550 -11.03 -40.18 -24.33
N LYS B 551 -12.00 -39.42 -23.83
CA LYS B 551 -13.33 -39.25 -24.42
C LYS B 551 -14.13 -40.55 -24.48
N ARG B 552 -13.70 -41.57 -23.75
CA ARG B 552 -14.42 -42.84 -23.74
C ARG B 552 -14.07 -43.59 -22.46
N ILE B 553 -14.89 -44.59 -22.14
CA ILE B 553 -14.69 -45.42 -20.96
C ILE B 553 -14.68 -46.88 -21.41
N GLU B 554 -13.60 -47.59 -21.12
CA GLU B 554 -13.44 -48.99 -21.46
C GLU B 554 -12.87 -49.75 -20.26
N LEU B 555 -13.46 -49.51 -19.09
CA LEU B 555 -12.94 -50.07 -17.85
C LEU B 555 -12.95 -51.58 -17.88
N THR B 556 -11.75 -52.17 -17.88
CA THR B 556 -11.59 -53.61 -17.83
C THR B 556 -11.44 -54.04 -16.37
N ARG B 557 -11.04 -55.30 -16.15
CA ARG B 557 -10.82 -55.79 -14.79
C ARG B 557 -9.69 -55.03 -14.11
N LYS B 558 -8.70 -54.58 -14.86
CA LYS B 558 -7.63 -53.79 -14.27
C LYS B 558 -8.15 -52.46 -13.73
N VAL B 559 -9.06 -51.82 -14.45
CA VAL B 559 -9.66 -50.59 -13.96
C VAL B 559 -10.49 -50.86 -12.70
N LEU B 560 -11.17 -52.01 -12.66
CA LEU B 560 -11.90 -52.37 -11.45
C LEU B 560 -10.97 -52.57 -10.27
N PHE B 561 -9.82 -53.21 -10.50
CA PHE B 561 -8.84 -53.39 -9.44
C PHE B 561 -8.29 -52.04 -8.96
N GLU B 562 -8.03 -51.13 -9.90
CA GLU B 562 -7.56 -49.80 -9.53
C GLU B 562 -8.61 -49.07 -8.70
N LEU B 563 -9.87 -49.16 -9.10
CA LEU B 563 -10.94 -48.52 -8.33
C LEU B 563 -11.06 -49.12 -6.94
N LYS B 564 -10.93 -50.45 -6.82
CA LYS B 564 -10.96 -51.10 -5.52
C LYS B 564 -9.80 -50.64 -4.65
N HIS B 565 -8.61 -50.52 -5.24
CA HIS B 565 -7.45 -50.04 -4.48
C HIS B 565 -7.67 -48.61 -4.01
N MET B 566 -8.23 -47.76 -4.87
CA MET B 566 -8.51 -46.38 -4.47
C MET B 566 -9.53 -46.34 -3.34
N ARG B 567 -10.58 -47.16 -3.42
CA ARG B 567 -11.59 -47.18 -2.37
C ARG B 567 -11.00 -47.67 -1.06
N ASP B 568 -10.16 -48.70 -1.10
CA ASP B 568 -9.59 -49.24 0.12
C ASP B 568 -8.51 -48.32 0.71
N VAL B 569 -7.86 -47.52 -0.13
CA VAL B 569 -6.78 -46.64 0.31
C VAL B 569 -7.40 -45.49 1.09
N GLN B 570 -7.25 -45.51 2.41
CA GLN B 570 -7.74 -44.44 3.28
C GLN B 570 -6.65 -44.16 4.32
N ASN B 571 -5.99 -43.02 4.18
CA ASN B 571 -4.91 -42.64 5.08
C ASN B 571 -5.05 -41.16 5.44
N GLU B 572 -4.45 -40.79 6.58
CA GLU B 572 -4.54 -39.42 7.05
C GLU B 572 -3.78 -38.44 6.16
N HIS B 573 -2.84 -38.92 5.35
CA HIS B 573 -2.04 -38.07 4.49
C HIS B 573 -2.53 -38.05 3.05
N LEU B 574 -2.71 -39.22 2.44
CA LEU B 574 -3.10 -39.29 1.04
C LEU B 574 -4.49 -38.67 0.84
N THR B 575 -4.67 -38.01 -0.30
CA THR B 575 -5.94 -37.36 -0.60
C THR B 575 -7.00 -38.41 -0.94
N ARG B 576 -8.25 -37.96 -0.94
CA ARG B 576 -9.40 -38.81 -1.23
C ARG B 576 -10.13 -38.29 -2.46
N PHE B 577 -10.67 -39.22 -3.24
CA PHE B 577 -11.40 -38.90 -4.47
C PHE B 577 -12.85 -39.33 -4.31
N VAL B 578 -13.77 -38.43 -4.67
CA VAL B 578 -15.19 -38.73 -4.55
C VAL B 578 -15.60 -39.83 -5.51
N GLY B 579 -15.19 -39.71 -6.77
CA GLY B 579 -15.54 -40.71 -7.76
C GLY B 579 -15.07 -40.29 -9.14
N ALA B 580 -15.44 -41.11 -10.12
CA ALA B 580 -15.08 -40.88 -11.52
C ALA B 580 -16.24 -40.19 -12.24
N CYS B 581 -16.06 -39.94 -13.53
CA CYS B 581 -17.03 -39.24 -14.33
C CYS B 581 -18.02 -40.21 -14.98
N THR B 582 -19.05 -39.64 -15.58
CA THR B 582 -20.08 -40.40 -16.30
C THR B 582 -20.17 -40.04 -17.76
N ASP B 583 -20.15 -38.76 -18.11
CA ASP B 583 -20.29 -38.34 -19.50
C ASP B 583 -19.02 -38.69 -20.28
N PRO B 584 -19.14 -39.41 -21.39
CA PRO B 584 -17.96 -39.71 -22.22
C PRO B 584 -17.22 -38.47 -22.69
N PRO B 585 -17.91 -37.36 -23.09
CA PRO B 585 -17.15 -36.21 -23.58
C PRO B 585 -16.32 -35.52 -22.51
N ASN B 586 -16.94 -35.22 -21.36
CA ASN B 586 -16.28 -34.49 -20.28
C ASN B 586 -15.98 -35.46 -19.14
N ILE B 587 -14.71 -35.59 -18.79
CA ILE B 587 -14.28 -36.45 -17.70
C ILE B 587 -14.02 -35.59 -16.48
N CYS B 588 -13.94 -36.23 -15.31
CA CYS B 588 -13.73 -35.52 -14.06
C CYS B 588 -13.22 -36.49 -13.01
N ILE B 589 -12.24 -36.05 -12.22
CA ILE B 589 -11.71 -36.81 -11.10
C ILE B 589 -11.95 -35.95 -9.86
N LEU B 590 -13.07 -36.18 -9.19
CA LEU B 590 -13.49 -35.35 -8.05
C LEU B 590 -12.67 -35.75 -6.83
N THR B 591 -11.50 -35.13 -6.69
CA THR B 591 -10.64 -35.35 -5.53
C THR B 591 -10.85 -34.24 -4.50
N GLU B 592 -10.61 -34.58 -3.24
CA GLU B 592 -10.75 -33.61 -2.17
C GLU B 592 -9.66 -32.55 -2.29
N TYR B 593 -10.06 -31.28 -2.21
CA TYR B 593 -9.14 -30.16 -2.35
C TYR B 593 -8.62 -29.75 -0.98
N CYS B 594 -7.32 -29.95 -0.76
CA CYS B 594 -6.68 -29.46 0.45
C CYS B 594 -6.31 -27.99 0.28
N PRO B 595 -6.78 -27.09 1.14
CA PRO B 595 -6.64 -25.66 0.87
C PRO B 595 -5.23 -25.10 1.09
N ARG B 596 -5.10 -23.79 0.93
CA ARG B 596 -3.83 -23.06 1.14
C ARG B 596 -2.74 -23.54 0.19
N GLY B 597 -3.13 -23.87 -1.04
CA GLY B 597 -2.17 -24.09 -2.11
C GLY B 597 -1.31 -25.34 -1.93
N SER B 598 -0.18 -25.32 -2.62
CA SER B 598 0.77 -26.42 -2.65
C SER B 598 2.06 -26.03 -1.93
N LEU B 599 2.91 -27.02 -1.69
CA LEU B 599 4.21 -26.77 -1.08
C LEU B 599 5.08 -25.89 -1.97
N GLN B 600 5.05 -26.14 -3.28
CA GLN B 600 5.74 -25.25 -4.20
C GLN B 600 5.15 -23.85 -4.13
N ASP B 601 3.82 -23.75 -4.05
CA ASP B 601 3.18 -22.45 -3.84
C ASP B 601 3.53 -21.88 -2.47
N ILE B 602 3.66 -22.74 -1.46
CA ILE B 602 3.98 -22.26 -0.11
C ILE B 602 5.36 -21.62 -0.09
N LEU B 603 6.31 -22.18 -0.85
CA LEU B 603 7.65 -21.60 -0.93
C LEU B 603 7.75 -20.50 -1.99
N GLU B 604 6.76 -20.38 -2.88
CA GLU B 604 6.80 -19.40 -3.96
C GLU B 604 6.92 -17.99 -3.42
N ASN B 605 5.92 -17.55 -2.65
CA ASN B 605 5.96 -16.22 -2.03
C ASN B 605 7.05 -16.16 -0.97
N GLU B 606 8.15 -15.47 -1.25
CA GLU B 606 9.23 -15.32 -0.29
C GLU B 606 8.79 -14.54 0.94
N SER B 607 7.64 -13.86 0.85
CA SER B 607 7.09 -13.15 2.00
C SER B 607 6.72 -14.13 3.11
N ILE B 608 6.10 -15.25 2.76
CA ILE B 608 5.91 -16.33 3.72
C ILE B 608 7.26 -16.96 4.03
N THR B 609 7.58 -17.09 5.32
CA THR B 609 8.90 -17.51 5.77
C THR B 609 8.81 -18.88 6.44
N LEU B 610 9.52 -19.86 5.87
CA LEU B 610 9.54 -21.19 6.46
C LEU B 610 10.40 -21.22 7.73
N ASP B 611 9.90 -21.93 8.74
CA ASP B 611 10.62 -22.12 10.00
C ASP B 611 11.37 -23.44 9.95
N TRP B 612 12.68 -23.40 10.24
CA TRP B 612 13.55 -24.56 10.08
C TRP B 612 12.94 -25.84 10.67
N MET B 613 12.59 -25.81 11.96
CA MET B 613 11.88 -26.94 12.57
C MET B 613 10.58 -27.25 11.84
N PHE B 614 9.84 -26.21 11.48
CA PHE B 614 8.58 -26.38 10.76
C PHE B 614 8.81 -27.05 9.40
N ARG B 615 9.84 -26.60 8.68
CA ARG B 615 10.17 -27.22 7.40
C ARG B 615 10.61 -28.66 7.57
N TYR B 616 11.40 -28.94 8.62
CA TYR B 616 11.82 -30.33 8.87
C TYR B 616 10.63 -31.22 9.19
N SER B 617 9.68 -30.71 9.97
CA SER B 617 8.46 -31.47 10.24
C SER B 617 7.68 -31.73 8.96
N LEU B 618 7.61 -30.74 8.07
CA LEU B 618 6.95 -30.92 6.78
C LEU B 618 7.64 -32.02 5.98
N THR B 619 8.98 -32.00 5.97
CA THR B 619 9.74 -33.01 5.23
C THR B 619 9.52 -34.40 5.81
N ASN B 620 9.48 -34.51 7.14
CA ASN B 620 9.21 -35.80 7.75
C ASN B 620 7.79 -36.27 7.45
N ASP B 621 6.83 -35.35 7.37
CA ASP B 621 5.47 -35.71 7.01
C ASP B 621 5.42 -36.27 5.58
N ILE B 622 6.09 -35.60 4.64
CA ILE B 622 6.07 -36.10 3.27
C ILE B 622 6.84 -37.42 3.17
N VAL B 623 7.86 -37.60 4.01
CA VAL B 623 8.58 -38.88 4.03
C VAL B 623 7.66 -39.99 4.52
N LYS B 624 6.90 -39.72 5.58
CA LYS B 624 5.95 -40.72 6.08
C LYS B 624 4.89 -41.05 5.04
N GLY B 625 4.39 -40.03 4.34
CA GLY B 625 3.44 -40.28 3.27
C GLY B 625 4.02 -41.13 2.16
N MET B 626 5.28 -40.85 1.78
CA MET B 626 5.94 -41.64 0.75
C MET B 626 6.11 -43.08 1.18
N LEU B 627 6.50 -43.29 2.45
CA LEU B 627 6.64 -44.66 2.95
C LEU B 627 5.31 -45.40 2.95
N PHE B 628 4.25 -44.73 3.39
CA PHE B 628 2.92 -45.36 3.41
C PHE B 628 2.47 -45.71 2.00
N LEU B 629 2.71 -44.81 1.04
CA LEU B 629 2.32 -45.10 -0.34
C LEU B 629 3.14 -46.25 -0.91
N HIS B 630 4.45 -46.27 -0.66
CA HIS B 630 5.31 -47.32 -1.20
C HIS B 630 4.97 -48.68 -0.63
N ASN B 631 4.63 -48.75 0.66
CA ASN B 631 4.33 -50.04 1.28
C ASN B 631 3.12 -50.69 0.64
N GLY B 632 2.20 -49.90 0.09
CA GLY B 632 0.97 -50.42 -0.45
C GLY B 632 1.15 -51.05 -1.82
N ALA B 633 0.02 -51.34 -2.46
CA ALA B 633 0.04 -51.98 -3.77
C ALA B 633 0.71 -51.09 -4.81
N ILE B 634 0.43 -49.79 -4.77
CA ILE B 634 1.08 -48.84 -5.67
C ILE B 634 2.53 -48.66 -5.24
N CYS B 635 3.46 -49.25 -6.00
CA CYS B 635 4.86 -49.19 -5.62
C CYS B 635 5.36 -47.75 -5.61
N SER B 636 4.98 -46.95 -6.60
CA SER B 636 5.35 -45.54 -6.64
C SER B 636 4.28 -44.78 -7.39
N HIS B 637 4.13 -43.50 -7.04
CA HIS B 637 3.14 -42.66 -7.72
C HIS B 637 3.46 -42.49 -9.19
N GLY B 638 4.73 -42.30 -9.53
CA GLY B 638 5.14 -42.06 -10.89
C GLY B 638 4.97 -40.64 -11.36
N ASN B 639 4.33 -39.78 -10.56
CA ASN B 639 4.16 -38.37 -10.92
C ASN B 639 4.38 -37.44 -9.73
N LEU B 640 5.09 -37.90 -8.71
CA LEU B 640 5.34 -37.08 -7.53
C LEU B 640 6.20 -35.87 -7.90
N LYS B 641 5.84 -34.72 -7.36
CA LYS B 641 6.54 -33.47 -7.67
C LYS B 641 6.29 -32.48 -6.55
N SER B 642 7.09 -31.42 -6.53
CA SER B 642 6.92 -30.37 -5.54
C SER B 642 5.58 -29.68 -5.69
N SER B 643 5.11 -29.50 -6.93
CA SER B 643 3.84 -28.86 -7.19
C SER B 643 2.67 -29.81 -7.08
N ASN B 644 2.91 -31.10 -6.80
CA ASN B 644 1.86 -32.09 -6.62
C ASN B 644 1.78 -32.56 -5.18
N CYS B 645 2.12 -31.69 -4.23
CA CYS B 645 2.07 -31.99 -2.80
C CYS B 645 1.48 -30.77 -2.10
N VAL B 646 0.19 -30.82 -1.79
CA VAL B 646 -0.53 -29.69 -1.22
C VAL B 646 -0.78 -29.92 0.26
N VAL B 647 -0.69 -28.85 1.04
CA VAL B 647 -1.06 -28.91 2.45
C VAL B 647 -2.56 -28.76 2.59
N ASP B 648 -3.07 -29.11 3.77
CA ASP B 648 -4.49 -29.12 4.05
C ASP B 648 -4.85 -27.95 4.97
N GLY B 649 -6.12 -27.92 5.40
CA GLY B 649 -6.55 -26.89 6.33
C GLY B 649 -5.80 -26.92 7.64
N ARG B 650 -5.40 -28.12 8.08
CA ARG B 650 -4.49 -28.28 9.21
C ARG B 650 -3.09 -28.63 8.74
N PHE B 651 -2.76 -28.29 7.49
CA PHE B 651 -1.45 -28.58 6.90
C PHE B 651 -1.15 -30.08 6.95
N VAL B 652 -2.15 -30.88 6.56
CA VAL B 652 -1.98 -32.33 6.42
C VAL B 652 -1.57 -32.57 4.96
N LEU B 653 -0.29 -32.86 4.76
CA LEU B 653 0.24 -32.97 3.41
C LEU B 653 -0.37 -34.17 2.68
N LYS B 654 -0.43 -34.06 1.36
CA LYS B 654 -0.93 -35.13 0.51
C LYS B 654 -0.04 -35.21 -0.74
N ILE B 655 -0.34 -36.18 -1.59
CA ILE B 655 0.35 -36.35 -2.87
C ILE B 655 -0.70 -36.29 -3.97
N THR B 656 -0.54 -35.35 -4.90
CA THR B 656 -1.49 -35.17 -5.99
C THR B 656 -1.18 -36.14 -7.12
N ASP B 657 -2.25 -36.59 -7.78
CA ASP B 657 -2.18 -37.55 -8.89
C ASP B 657 -1.57 -38.88 -8.47
N TYR B 658 -1.55 -39.16 -7.16
CA TYR B 658 -1.01 -40.43 -6.65
C TYR B 658 -2.10 -41.50 -6.65
N GLY B 659 -2.57 -41.83 -7.85
CA GLY B 659 -3.60 -42.83 -8.00
C GLY B 659 -4.20 -42.78 -9.40
N LEU B 660 -5.38 -43.40 -9.53
CA LEU B 660 -6.11 -43.47 -10.80
C LEU B 660 -5.24 -44.10 -11.89
N GLU B 661 -4.86 -45.36 -11.65
CA GLU B 661 -4.01 -46.07 -12.59
C GLU B 661 -4.72 -46.38 -13.91
N SER B 662 -6.05 -46.27 -13.94
CA SER B 662 -6.78 -46.59 -15.16
C SER B 662 -6.44 -45.62 -16.29
N PHE B 663 -6.33 -44.33 -15.98
CA PHE B 663 -6.07 -43.30 -16.98
C PHE B 663 -4.84 -42.49 -16.59
N ARG B 664 -4.12 -42.03 -17.60
CA ARG B 664 -2.93 -41.21 -17.39
C ARG B 664 -2.64 -40.43 -18.66
N ASP B 665 -1.83 -39.39 -18.52
CA ASP B 665 -1.46 -38.54 -19.66
C ASP B 665 -0.21 -39.10 -20.34
N LEU B 666 -0.38 -40.29 -20.91
CA LEU B 666 0.69 -40.98 -21.59
C LEU B 666 0.70 -40.75 -23.10
N ASP B 667 -0.22 -39.94 -23.62
CA ASP B 667 -0.29 -39.70 -25.06
C ASP B 667 0.89 -38.87 -25.51
N PRO B 668 1.68 -39.32 -26.49
CA PRO B 668 2.80 -38.51 -26.98
C PRO B 668 2.33 -37.17 -27.54
N GLU B 669 2.74 -36.09 -26.87
CA GLU B 669 2.40 -34.75 -27.30
C GLU B 669 3.23 -33.75 -26.50
N GLN B 670 3.50 -32.60 -27.12
CA GLN B 670 4.15 -31.46 -26.48
C GLN B 670 5.51 -31.86 -25.91
N GLY B 671 6.41 -32.18 -26.85
CA GLY B 671 7.75 -32.60 -26.45
C GLY B 671 8.50 -31.53 -25.67
N HIS B 672 8.42 -30.27 -26.11
CA HIS B 672 9.03 -29.19 -25.35
C HIS B 672 8.36 -29.03 -23.99
N THR B 673 7.02 -29.08 -23.96
CA THR B 673 6.32 -29.05 -22.68
C THR B 673 6.59 -30.30 -21.86
N VAL B 674 6.92 -31.41 -22.51
CA VAL B 674 7.33 -32.60 -21.76
C VAL B 674 8.66 -32.36 -21.07
N TYR B 675 9.63 -31.81 -21.81
CA TYR B 675 10.93 -31.49 -21.23
C TYR B 675 10.83 -30.39 -20.17
N ALA B 676 9.78 -29.56 -20.23
CA ALA B 676 9.61 -28.49 -19.26
C ALA B 676 8.91 -28.97 -17.98
N LYS B 677 7.81 -29.71 -18.12
CA LYS B 677 6.97 -30.08 -17.00
C LYS B 677 7.31 -31.45 -16.41
N LYS B 678 8.09 -32.27 -17.10
CA LYS B 678 8.53 -33.56 -16.59
C LYS B 678 9.99 -33.54 -16.18
N LEU B 679 10.48 -32.37 -15.77
CA LEU B 679 11.86 -32.26 -15.32
C LEU B 679 12.13 -33.02 -14.03
N TRP B 680 11.08 -33.31 -13.25
CA TRP B 680 11.24 -33.97 -11.96
C TRP B 680 11.63 -35.44 -12.10
N THR B 681 11.60 -36.00 -13.31
CA THR B 681 11.91 -37.41 -13.48
C THR B 681 13.38 -37.69 -13.15
N ALA B 682 13.65 -38.95 -12.84
CA ALA B 682 15.00 -39.38 -12.47
C ALA B 682 15.87 -39.53 -13.71
N PRO B 683 17.18 -39.33 -13.59
CA PRO B 683 18.07 -39.54 -14.74
C PRO B 683 17.99 -40.94 -15.32
N GLU B 684 17.85 -41.96 -14.46
CA GLU B 684 17.70 -43.32 -14.95
C GLU B 684 16.43 -43.48 -15.76
N LEU B 685 15.32 -42.91 -15.28
CA LEU B 685 14.07 -42.97 -16.03
C LEU B 685 14.15 -42.17 -17.33
N LEU B 686 14.80 -41.01 -17.29
CA LEU B 686 14.91 -40.18 -18.50
C LEU B 686 15.77 -40.86 -19.56
N ARG B 687 16.89 -41.48 -19.15
CA ARG B 687 17.75 -42.17 -20.11
C ARG B 687 17.03 -43.37 -20.72
N MET B 688 16.26 -44.11 -19.92
CA MET B 688 15.51 -45.25 -20.41
C MET B 688 14.40 -44.76 -21.34
N ALA B 689 14.35 -45.32 -22.55
CA ALA B 689 13.34 -44.90 -23.52
C ALA B 689 11.94 -45.21 -23.04
N SER B 690 11.73 -46.40 -22.47
CA SER B 690 10.41 -46.79 -22.00
C SER B 690 10.18 -46.25 -20.60
N PRO B 691 9.21 -45.36 -20.40
CA PRO B 691 8.96 -44.84 -19.06
C PRO B 691 7.89 -45.65 -18.35
N PRO B 692 8.08 -45.95 -17.06
CA PRO B 692 7.05 -46.66 -16.30
C PRO B 692 5.99 -45.69 -15.79
N VAL B 693 4.75 -45.89 -16.26
CA VAL B 693 3.64 -45.08 -15.75
C VAL B 693 3.48 -45.29 -14.26
N ARG B 694 3.51 -46.55 -13.82
CA ARG B 694 3.65 -46.88 -12.40
C ARG B 694 5.14 -47.04 -12.15
N GLY B 695 5.78 -45.96 -11.73
CA GLY B 695 7.23 -45.93 -11.63
C GLY B 695 7.76 -46.85 -10.55
N SER B 696 9.08 -47.04 -10.59
CA SER B 696 9.75 -47.86 -9.60
C SER B 696 9.96 -47.08 -8.31
N GLN B 697 10.29 -47.81 -7.24
CA GLN B 697 10.54 -47.18 -5.96
C GLN B 697 11.76 -46.26 -6.02
N ALA B 698 12.77 -46.63 -6.81
CA ALA B 698 13.96 -45.81 -6.93
C ALA B 698 13.63 -44.45 -7.54
N GLY B 699 12.80 -44.41 -8.58
CA GLY B 699 12.42 -43.14 -9.18
C GLY B 699 11.67 -42.25 -8.22
N ASP B 700 10.75 -42.83 -7.44
CA ASP B 700 10.05 -42.06 -6.43
C ASP B 700 11.01 -41.54 -5.37
N VAL B 701 12.01 -42.35 -5.01
CA VAL B 701 13.02 -41.92 -4.04
C VAL B 701 13.80 -40.73 -4.57
N TYR B 702 14.18 -40.78 -5.86
CA TYR B 702 14.92 -39.66 -6.44
C TYR B 702 14.05 -38.42 -6.53
N SER B 703 12.76 -38.59 -6.85
CA SER B 703 11.85 -37.46 -6.86
C SER B 703 11.72 -36.83 -5.48
N PHE B 704 11.63 -37.67 -4.44
CA PHE B 704 11.58 -37.17 -3.07
C PHE B 704 12.86 -36.44 -2.71
N GLY B 705 14.01 -36.96 -3.16
CA GLY B 705 15.27 -36.27 -2.92
C GLY B 705 15.32 -34.91 -3.59
N ILE B 706 14.81 -34.82 -4.82
CA ILE B 706 14.77 -33.55 -5.53
C ILE B 706 13.84 -32.57 -4.79
N ILE B 707 12.70 -33.07 -4.32
CA ILE B 707 11.78 -32.23 -3.57
C ILE B 707 12.43 -31.72 -2.28
N LEU B 708 13.16 -32.59 -1.59
CA LEU B 708 13.86 -32.19 -0.38
C LEU B 708 14.93 -31.15 -0.68
N GLN B 709 15.65 -31.32 -1.79
CA GLN B 709 16.65 -30.33 -2.18
C GLN B 709 16.00 -28.98 -2.47
N GLU B 710 14.85 -28.99 -3.15
CA GLU B 710 14.14 -27.74 -3.40
C GLU B 710 13.66 -27.10 -2.11
N ILE B 711 13.14 -27.90 -1.18
CA ILE B 711 12.63 -27.37 0.08
C ILE B 711 13.76 -26.82 0.95
N ALA B 712 14.93 -27.45 0.91
CA ALA B 712 16.03 -27.02 1.77
C ALA B 712 16.49 -25.61 1.40
N LEU B 713 16.54 -25.29 0.12
CA LEU B 713 16.93 -23.97 -0.34
C LEU B 713 15.69 -23.10 -0.56
N ARG B 714 15.92 -21.83 -0.87
CA ARG B 714 14.85 -20.88 -1.13
C ARG B 714 14.71 -20.51 -2.60
N SER B 715 15.67 -20.92 -3.44
CA SER B 715 15.64 -20.59 -4.86
C SER B 715 14.69 -21.52 -5.59
N GLY B 716 14.72 -21.49 -6.92
CA GLY B 716 13.84 -22.29 -7.74
C GLY B 716 14.34 -23.72 -7.90
N VAL B 717 13.82 -24.39 -8.92
CA VAL B 717 14.16 -25.77 -9.18
C VAL B 717 15.62 -25.85 -9.62
N PHE B 718 16.35 -26.83 -9.07
CA PHE B 718 17.70 -27.22 -9.48
C PHE B 718 18.75 -26.20 -9.05
N HIS B 719 18.32 -25.01 -8.63
CA HIS B 719 19.13 -24.06 -7.85
C HIS B 719 20.60 -24.03 -8.27
N VAL B 720 20.86 -23.92 -9.56
CA VAL B 720 22.22 -24.12 -10.05
C VAL B 720 23.15 -22.98 -9.63
N GLU B 721 22.66 -21.75 -9.71
CA GLU B 721 23.49 -20.56 -9.48
C GLU B 721 24.73 -20.58 -10.37
N GLY B 722 24.55 -21.06 -11.60
CA GLY B 722 25.63 -21.17 -12.56
C GLY B 722 25.29 -20.53 -13.90
N LEU B 723 25.35 -21.33 -14.96
CA LEU B 723 24.98 -20.83 -16.28
C LEU B 723 23.51 -20.46 -16.36
N ASP B 724 22.66 -21.13 -15.58
CA ASP B 724 21.23 -20.86 -15.53
C ASP B 724 20.58 -21.04 -16.90
N LEU B 725 20.91 -22.15 -17.56
CA LEU B 725 20.41 -22.43 -18.89
C LEU B 725 18.92 -22.80 -18.84
N SER B 726 18.35 -23.06 -20.01
CA SER B 726 16.96 -23.43 -20.11
C SER B 726 16.73 -24.82 -19.54
N PRO B 727 15.51 -25.11 -19.06
CA PRO B 727 15.23 -26.45 -18.52
C PRO B 727 15.44 -27.56 -19.54
N LYS B 728 15.14 -27.32 -20.81
CA LYS B 728 15.32 -28.35 -21.83
C LYS B 728 16.79 -28.73 -21.98
N GLU B 729 17.67 -27.73 -22.03
CA GLU B 729 19.10 -28.02 -22.15
C GLU B 729 19.63 -28.75 -20.93
N ILE B 730 19.19 -28.35 -19.74
CA ILE B 730 19.64 -29.02 -18.51
C ILE B 730 19.16 -30.47 -18.50
N ILE B 731 17.91 -30.69 -18.90
CA ILE B 731 17.38 -32.06 -18.93
C ILE B 731 18.14 -32.91 -19.94
N GLU B 732 18.43 -32.34 -21.11
CA GLU B 732 19.19 -33.08 -22.12
C GLU B 732 20.58 -33.41 -21.62
N ARG B 733 21.24 -32.46 -20.96
CA ARG B 733 22.58 -32.73 -20.42
C ARG B 733 22.52 -33.81 -19.35
N VAL B 734 21.51 -33.77 -18.47
CA VAL B 734 21.39 -34.78 -17.43
C VAL B 734 21.16 -36.14 -18.04
N THR B 735 20.31 -36.23 -19.07
CA THR B 735 20.07 -37.50 -19.74
C THR B 735 21.34 -38.02 -20.40
N ARG B 736 22.08 -37.14 -21.08
CA ARG B 736 23.34 -37.56 -21.69
C ARG B 736 24.37 -37.92 -20.63
N GLY B 737 24.57 -37.03 -19.66
CA GLY B 737 25.44 -37.32 -18.54
C GLY B 737 26.91 -37.19 -18.88
N GLU B 738 27.72 -37.43 -17.87
CA GLU B 738 29.18 -37.41 -17.95
C GLU B 738 29.72 -38.10 -16.70
N GLN B 739 31.03 -38.04 -16.49
CA GLN B 739 31.59 -38.59 -15.26
C GLN B 739 31.06 -37.87 -14.03
N PRO B 740 31.05 -36.53 -13.96
CA PRO B 740 30.24 -35.87 -12.94
C PRO B 740 28.82 -35.66 -13.46
N PRO B 741 27.82 -36.27 -12.83
CA PRO B 741 26.45 -36.09 -13.31
C PRO B 741 26.01 -34.64 -13.14
N PHE B 742 25.18 -34.18 -14.07
CA PHE B 742 24.61 -32.84 -13.99
C PHE B 742 23.57 -32.81 -12.87
N ARG B 743 23.95 -32.23 -11.75
CA ARG B 743 23.14 -32.26 -10.53
C ARG B 743 23.47 -31.02 -9.71
N PRO B 744 22.54 -30.57 -8.87
CA PRO B 744 22.78 -29.37 -8.08
C PRO B 744 23.49 -29.66 -6.76
N SER B 745 24.07 -28.61 -6.20
CA SER B 745 24.61 -28.67 -4.85
C SER B 745 23.46 -28.60 -3.85
N LEU B 746 23.80 -28.71 -2.57
CA LEU B 746 22.78 -28.72 -1.52
C LEU B 746 22.48 -27.31 -1.01
N ALA B 747 23.48 -26.65 -0.45
CA ALA B 747 23.33 -25.30 0.11
C ALA B 747 24.70 -24.80 0.52
N LEU B 748 24.75 -23.56 1.01
CA LEU B 748 25.97 -22.96 1.53
C LEU B 748 26.03 -22.98 3.05
N GLN B 749 25.03 -23.54 3.72
CA GLN B 749 25.03 -23.57 5.18
C GLN B 749 26.06 -24.57 5.69
N SER B 750 26.87 -24.13 6.65
CA SER B 750 27.90 -24.99 7.22
C SER B 750 27.33 -26.01 8.20
N HIS B 751 26.12 -25.80 8.71
CA HIS B 751 25.51 -26.69 9.69
C HIS B 751 24.50 -27.65 9.05
N LEU B 752 24.73 -28.04 7.80
CA LEU B 752 23.84 -28.95 7.09
C LEU B 752 24.58 -30.17 6.58
N GLU B 753 25.55 -30.66 7.35
CA GLU B 753 26.35 -31.81 6.93
C GLU B 753 25.49 -33.07 6.78
N GLU B 754 24.59 -33.31 7.73
CA GLU B 754 23.73 -34.49 7.65
C GLU B 754 22.77 -34.39 6.47
N LEU B 755 22.23 -33.21 6.21
CA LEU B 755 21.37 -33.03 5.05
C LEU B 755 22.12 -33.32 3.77
N GLY B 756 23.36 -32.83 3.65
CA GLY B 756 24.16 -33.13 2.49
C GLY B 756 24.48 -34.61 2.36
N LEU B 757 24.74 -35.28 3.49
CA LEU B 757 25.06 -36.70 3.46
C LEU B 757 23.87 -37.52 2.98
N LEU B 758 22.67 -37.21 3.48
CA LEU B 758 21.47 -37.89 3.00
C LEU B 758 21.20 -37.57 1.53
N MET B 759 21.38 -36.31 1.13
CA MET B 759 21.06 -35.94 -0.23
C MET B 759 22.04 -36.53 -1.24
N GLN B 760 23.30 -36.73 -0.84
CA GLN B 760 24.27 -37.35 -1.73
C GLN B 760 23.86 -38.76 -2.11
N ARG B 761 23.39 -39.53 -1.13
CA ARG B 761 22.76 -40.81 -1.43
C ARG B 761 21.45 -40.65 -2.19
N CYS B 762 20.80 -39.49 -2.03
CA CYS B 762 19.57 -39.24 -2.79
C CYS B 762 19.83 -39.04 -4.28
N TRP B 763 20.96 -38.43 -4.67
CA TRP B 763 21.24 -38.29 -6.10
C TRP B 763 21.84 -39.55 -6.71
N ALA B 764 21.66 -40.71 -6.09
CA ALA B 764 22.23 -41.95 -6.63
C ALA B 764 21.79 -42.17 -8.07
N GLU B 765 22.75 -42.53 -8.93
CA GLU B 765 22.45 -42.72 -10.35
C GLU B 765 21.99 -44.12 -10.68
N ASP B 766 22.34 -45.12 -9.87
CA ASP B 766 21.99 -46.50 -10.14
C ASP B 766 21.04 -47.03 -9.07
N PRO B 767 20.16 -47.98 -9.43
CA PRO B 767 19.26 -48.55 -8.42
C PRO B 767 19.98 -49.25 -7.28
N GLN B 768 21.20 -49.75 -7.51
CA GLN B 768 21.95 -50.39 -6.44
C GLN B 768 22.26 -49.41 -5.32
N GLU B 769 22.64 -48.18 -5.68
CA GLU B 769 22.90 -47.14 -4.69
C GLU B 769 21.63 -46.48 -4.16
N ARG B 770 20.47 -46.78 -4.76
CA ARG B 770 19.23 -46.21 -4.27
C ARG B 770 18.91 -46.76 -2.88
N PRO B 771 18.66 -45.89 -1.90
CA PRO B 771 18.47 -46.36 -0.53
C PRO B 771 17.09 -46.94 -0.32
N PRO B 772 16.89 -47.76 0.72
CA PRO B 772 15.55 -48.22 1.07
C PRO B 772 14.78 -47.16 1.83
N PHE B 773 14.06 -46.30 1.09
CA PHE B 773 13.52 -45.04 1.57
C PHE B 773 12.93 -45.08 2.97
N GLN B 774 12.44 -46.24 3.41
CA GLN B 774 12.06 -46.39 4.81
C GLN B 774 13.26 -46.21 5.73
N GLN B 775 14.38 -46.83 5.38
CA GLN B 775 15.60 -46.62 6.16
C GLN B 775 16.09 -45.18 6.05
N ILE B 776 15.88 -44.54 4.90
CA ILE B 776 16.24 -43.13 4.76
C ILE B 776 15.39 -42.27 5.70
N ARG B 777 14.10 -42.60 5.82
CA ARG B 777 13.24 -41.89 6.76
C ARG B 777 13.66 -42.13 8.19
N LEU B 778 14.09 -43.36 8.51
CA LEU B 778 14.61 -43.63 9.84
C LEU B 778 15.86 -42.81 10.13
N THR B 779 16.76 -42.71 9.14
CA THR B 779 17.95 -41.89 9.30
C THR B 779 17.59 -40.42 9.48
N LEU B 780 16.59 -39.95 8.73
CA LEU B 780 16.13 -38.58 8.89
C LEU B 780 15.57 -38.33 10.28
N ARG B 781 14.76 -39.27 10.80
CA ARG B 781 14.26 -39.15 12.16
C ARG B 781 15.41 -39.16 13.16
N LYS B 782 16.49 -39.86 12.86
CA LYS B 782 17.68 -39.78 13.69
C LYS B 782 18.30 -38.38 13.61
N PHE B 783 18.30 -37.77 12.42
CA PHE B 783 18.96 -36.49 12.20
C PHE B 783 17.98 -35.32 12.21
N ASN B 784 16.99 -35.33 11.31
CA ASN B 784 16.08 -34.19 11.18
C ASN B 784 15.25 -33.99 12.44
N ARG B 785 14.78 -35.08 13.04
CA ARG B 785 13.95 -35.00 14.24
C ARG B 785 14.86 -34.77 15.44
N GLU B 786 15.32 -33.54 15.58
CA GLU B 786 16.14 -33.15 16.73
C GLU B 786 15.27 -33.02 17.96
N ASN B 787 15.19 -34.11 18.75
CA ASN B 787 14.37 -34.21 19.95
C ASN B 787 12.88 -34.30 19.61
N SER B 788 12.56 -34.20 18.31
CA SER B 788 11.21 -34.34 17.80
C SER B 788 10.19 -33.51 18.57
N SER B 789 9.00 -34.06 18.78
CA SER B 789 7.91 -33.38 19.46
C SER B 789 6.86 -34.44 19.82
N ASN B 790 5.68 -33.97 20.23
CA ASN B 790 4.60 -34.88 20.61
C ASN B 790 3.95 -35.44 19.35
N ILE B 791 2.83 -36.15 19.53
CA ILE B 791 2.15 -36.78 18.41
C ILE B 791 1.59 -35.73 17.46
N LEU B 792 0.91 -34.72 17.99
CA LEU B 792 0.25 -33.75 17.12
C LEU B 792 0.30 -32.31 17.62
N ASP B 793 1.01 -32.03 18.72
CA ASP B 793 1.13 -30.64 19.18
C ASP B 793 1.94 -29.81 18.19
N ASN B 794 2.89 -30.45 17.50
CA ASN B 794 3.72 -29.75 16.53
C ASN B 794 2.87 -29.07 15.47
N LEU B 795 1.83 -29.75 14.99
CA LEU B 795 0.97 -29.16 13.96
C LEU B 795 0.36 -27.85 14.43
N LEU B 796 -0.19 -27.84 15.65
CA LEU B 796 -0.79 -26.62 16.17
C LEU B 796 0.25 -25.51 16.32
N SER B 797 1.43 -25.85 16.84
CA SER B 797 2.46 -24.84 17.03
C SER B 797 2.91 -24.24 15.69
N ARG B 798 3.11 -25.09 14.68
CA ARG B 798 3.60 -24.63 13.38
C ARG B 798 2.54 -23.81 12.65
N MET B 799 1.26 -24.20 12.78
CA MET B 799 0.19 -23.35 12.25
C MET B 799 0.15 -22.00 12.94
N GLU B 800 0.30 -21.96 14.27
CA GLU B 800 0.30 -20.69 14.98
C GLU B 800 1.47 -19.80 14.57
N GLN B 801 2.64 -20.41 14.36
CA GLN B 801 3.79 -19.65 13.89
C GLN B 801 3.50 -19.02 12.53
N TYR B 802 2.88 -19.79 11.63
CA TYR B 802 2.55 -19.24 10.32
C TYR B 802 1.54 -18.10 10.43
N ALA B 803 0.54 -18.23 11.31
CA ALA B 803 -0.41 -17.14 11.50
C ALA B 803 0.28 -15.88 12.01
N ASN B 804 1.20 -16.04 12.97
CA ASN B 804 1.96 -14.89 13.47
C ASN B 804 2.76 -14.24 12.35
N ASN B 805 3.35 -15.06 11.47
CA ASN B 805 4.09 -14.53 10.33
C ASN B 805 3.19 -13.70 9.43
N LEU B 806 1.98 -14.20 9.16
CA LEU B 806 1.04 -13.45 8.33
C LEU B 806 0.65 -12.14 8.98
N GLU B 807 0.45 -12.14 10.30
CA GLU B 807 0.14 -10.90 11.00
C GLU B 807 1.26 -9.87 10.85
N GLU B 808 2.50 -10.31 11.00
CA GLU B 808 3.62 -9.38 10.82
C GLU B 808 3.64 -8.82 9.41
N LEU B 809 3.41 -9.68 8.41
CA LEU B 809 3.42 -9.22 7.02
C LEU B 809 2.33 -8.18 6.78
N VAL B 810 1.12 -8.42 7.29
CA VAL B 810 0.04 -7.46 7.05
C VAL B 810 0.31 -6.14 7.75
N GLU B 811 0.91 -6.18 8.96
CA GLU B 811 1.24 -4.92 9.63
C GLU B 811 2.21 -4.10 8.80
N GLU B 812 3.26 -4.75 8.28
CA GLU B 812 4.20 -4.03 7.43
C GLU B 812 3.52 -3.47 6.19
N ARG B 813 2.62 -4.26 5.59
CA ARG B 813 1.92 -3.81 4.39
C ARG B 813 1.07 -2.58 4.68
N THR B 814 0.39 -2.55 5.83
CA THR B 814 -0.39 -1.37 6.20
C THR B 814 0.50 -0.15 6.38
N GLN B 815 1.69 -0.34 6.98
CA GLN B 815 2.61 0.79 7.11
C GLN B 815 3.01 1.33 5.74
N ALA B 816 3.29 0.43 4.79
CA ALA B 816 3.63 0.88 3.44
C ALA B 816 2.46 1.62 2.79
N TYR B 817 1.23 1.13 3.02
CA TYR B 817 0.06 1.81 2.47
C TYR B 817 -0.08 3.22 3.03
N LEU B 818 0.17 3.40 4.33
CA LEU B 818 0.10 4.73 4.92
C LEU B 818 1.15 5.65 4.32
N GLU B 819 2.37 5.14 4.13
CA GLU B 819 3.41 5.95 3.49
C GLU B 819 2.99 6.38 2.09
N GLU B 820 2.43 5.45 1.31
CA GLU B 820 2.01 5.76 -0.05
C GLU B 820 0.88 6.78 -0.07
N LYS B 821 -0.06 6.67 0.86
CA LYS B 821 -1.14 7.65 0.95
C LYS B 821 -0.59 9.04 1.25
N ARG B 822 0.37 9.12 2.17
CA ARG B 822 1.01 10.40 2.45
C ARG B 822 1.69 10.96 1.20
N LYS B 823 2.39 10.11 0.45
CA LYS B 823 3.05 10.55 -0.77
C LYS B 823 2.06 11.08 -1.80
N ALA B 824 0.93 10.39 -1.97
CA ALA B 824 -0.08 10.85 -2.92
C ALA B 824 -0.67 12.18 -2.49
N GLU B 825 -0.93 12.33 -1.18
CA GLU B 825 -1.46 13.59 -0.67
C GLU B 825 -0.49 14.73 -0.95
N ALA B 826 0.81 14.49 -0.75
CA ALA B 826 1.80 15.51 -1.09
C ALA B 826 1.79 15.81 -2.58
N LEU B 827 1.68 14.78 -3.41
CA LEU B 827 1.72 14.97 -4.87
C LEU B 827 0.52 15.73 -5.39
N LEU B 828 -0.61 15.67 -4.69
CA LEU B 828 -1.83 16.30 -5.19
C LEU B 828 -1.64 17.79 -5.44
N TYR B 829 -1.17 18.53 -4.44
CA TYR B 829 -0.99 19.98 -4.52
C TYR B 829 0.48 20.31 -4.26
N GLN B 830 1.19 20.74 -5.30
CA GLN B 830 2.57 21.18 -5.13
C GLN B 830 2.94 22.46 -5.86
N ILE B 831 2.20 22.89 -6.90
CA ILE B 831 2.54 24.13 -7.58
C ILE B 831 2.26 25.33 -6.68
N LEU B 832 1.15 25.29 -5.96
CA LEU B 832 0.74 26.41 -5.11
C LEU B 832 1.73 26.59 -3.95
N PRO B 833 1.77 27.78 -3.36
CA PRO B 833 2.66 28.00 -2.21
C PRO B 833 2.32 27.08 -1.05
N HIS B 834 3.35 26.73 -0.28
CA HIS B 834 3.18 25.76 0.80
C HIS B 834 2.13 26.22 1.80
N SER B 835 2.17 27.50 2.19
CA SER B 835 1.16 28.02 3.11
C SER B 835 -0.23 27.97 2.50
N VAL B 836 -0.36 28.37 1.22
CA VAL B 836 -1.65 28.31 0.56
C VAL B 836 -2.11 26.87 0.37
N ALA B 837 -1.18 25.94 0.14
CA ALA B 837 -1.55 24.55 -0.02
C ALA B 837 -2.05 23.96 1.30
N GLU B 838 -1.40 24.30 2.41
CA GLU B 838 -1.90 23.88 3.71
C GLU B 838 -3.26 24.48 4.01
N GLN B 839 -3.45 25.77 3.69
CA GLN B 839 -4.73 26.42 3.95
C GLN B 839 -5.84 25.90 3.06
N LEU B 840 -5.52 25.35 1.89
CA LEU B 840 -6.51 24.73 1.02
C LEU B 840 -6.81 23.30 1.42
N LYS B 841 -5.79 22.55 1.86
CA LYS B 841 -6.02 21.19 2.32
C LYS B 841 -6.75 21.15 3.65
N ARG B 842 -6.58 22.18 4.48
CA ARG B 842 -7.29 22.22 5.76
C ARG B 842 -8.80 22.31 5.54
N GLY B 843 -9.23 23.10 4.59
CA GLY B 843 -10.65 23.24 4.30
C GLY B 843 -11.07 24.68 4.02
N GLU B 844 -10.27 25.64 4.49
CA GLU B 844 -10.57 27.04 4.28
C GLU B 844 -10.41 27.42 2.80
N THR B 845 -11.03 28.54 2.43
CA THR B 845 -10.99 29.05 1.07
C THR B 845 -10.07 30.26 1.02
N VAL B 846 -9.15 30.25 0.06
CA VAL B 846 -8.20 31.36 -0.10
C VAL B 846 -8.86 32.47 -0.89
N GLN B 847 -8.76 33.70 -0.39
CA GLN B 847 -9.36 34.86 -1.03
C GLN B 847 -8.30 35.70 -1.73
N ALA B 848 -8.76 36.52 -2.67
CA ALA B 848 -7.87 37.44 -3.37
C ALA B 848 -7.37 38.51 -2.40
N GLU B 849 -6.07 38.81 -2.50
CA GLU B 849 -5.45 39.78 -1.60
C GLU B 849 -4.58 40.73 -2.40
N ALA B 850 -4.47 41.96 -1.91
CA ALA B 850 -3.63 42.99 -2.51
C ALA B 850 -2.52 43.34 -1.52
N PHE B 851 -1.28 43.40 -2.02
CA PHE B 851 -0.12 43.63 -1.19
C PHE B 851 0.52 44.98 -1.53
N ASP B 852 1.05 45.63 -0.49
CA ASP B 852 1.55 47.00 -0.66
C ASP B 852 2.85 47.03 -1.46
N SER B 853 3.77 46.12 -1.20
CA SER B 853 5.07 46.13 -1.87
C SER B 853 5.61 44.72 -1.93
N VAL B 854 5.93 44.27 -3.15
CA VAL B 854 6.51 42.94 -3.38
C VAL B 854 7.67 43.09 -4.35
N THR B 855 8.52 42.07 -4.40
CA THR B 855 9.70 42.06 -5.24
C THR B 855 9.54 41.03 -6.35
N ILE B 856 9.79 41.46 -7.58
CA ILE B 856 9.70 40.61 -8.77
C ILE B 856 11.08 40.50 -9.40
N TYR B 857 11.44 39.29 -9.78
CA TYR B 857 12.76 38.98 -10.34
C TYR B 857 12.59 38.22 -11.64
N PHE B 858 13.31 38.67 -12.68
CA PHE B 858 13.30 38.05 -13.99
C PHE B 858 14.72 37.59 -14.33
N SER B 859 14.82 36.41 -14.91
CA SER B 859 16.10 35.86 -15.34
C SER B 859 15.95 35.26 -16.73
N ASP B 860 16.94 35.50 -17.59
CA ASP B 860 16.86 35.05 -18.97
C ASP B 860 18.25 34.74 -19.51
N ILE B 861 18.35 33.66 -20.27
CA ILE B 861 19.61 33.31 -20.92
C ILE B 861 19.78 34.19 -22.16
N VAL B 862 20.89 34.90 -22.23
CA VAL B 862 21.17 35.82 -23.32
C VAL B 862 21.77 35.05 -24.49
N GLY B 863 21.16 35.19 -25.66
CA GLY B 863 21.62 34.47 -26.82
C GLY B 863 21.26 33.00 -26.84
N PHE B 864 20.31 32.58 -26.00
CA PHE B 864 19.95 31.16 -25.93
C PHE B 864 19.35 30.67 -27.25
N THR B 865 18.73 31.56 -28.01
CA THR B 865 18.14 31.18 -29.29
C THR B 865 19.19 30.84 -30.34
N ALA B 866 20.45 31.24 -30.14
CA ALA B 866 21.53 30.93 -31.06
C ALA B 866 22.31 29.69 -30.65
N LEU B 867 22.56 29.51 -29.35
CA LEU B 867 23.26 28.31 -28.88
C LEU B 867 22.42 27.07 -29.13
N SER B 868 21.11 27.17 -28.96
CA SER B 868 20.22 26.03 -29.18
C SER B 868 19.90 25.82 -30.66
N ALA B 869 20.24 26.77 -31.52
CA ALA B 869 19.98 26.60 -32.96
C ALA B 869 20.85 25.50 -33.55
N GLU B 870 22.16 25.53 -33.25
CA GLU B 870 23.09 24.51 -33.74
C GLU B 870 23.34 23.51 -32.61
N SER B 871 22.36 22.62 -32.42
CA SER B 871 22.47 21.60 -31.38
C SER B 871 21.55 20.44 -31.73
N THR B 872 21.99 19.24 -31.35
CA THR B 872 21.17 18.06 -31.53
C THR B 872 19.99 18.09 -30.57
N PRO B 873 18.86 17.48 -30.94
CA PRO B 873 17.71 17.46 -30.02
C PRO B 873 18.03 16.85 -28.66
N MET B 874 18.82 15.78 -28.63
CA MET B 874 19.25 15.24 -27.35
C MET B 874 20.19 16.20 -26.65
N GLN B 875 21.09 16.85 -27.40
CA GLN B 875 21.99 17.84 -26.82
C GLN B 875 21.27 19.13 -26.42
N VAL B 876 20.03 19.31 -26.85
CA VAL B 876 19.24 20.46 -26.41
C VAL B 876 18.29 20.08 -25.28
N VAL B 877 17.91 18.81 -25.15
CA VAL B 877 17.10 18.37 -24.02
C VAL B 877 17.96 18.01 -22.81
N THR B 878 19.26 17.76 -23.00
CA THR B 878 20.17 17.52 -21.90
C THR B 878 20.82 18.79 -21.38
N LEU B 879 20.54 19.94 -22.00
CA LEU B 879 21.05 21.22 -21.54
C LEU B 879 20.03 22.00 -20.72
N LEU B 880 18.73 21.70 -20.90
CA LEU B 880 17.68 22.33 -20.10
C LEU B 880 17.44 21.61 -18.78
N ASN B 881 17.46 20.26 -18.81
CA ASN B 881 17.27 19.50 -17.57
C ASN B 881 18.41 19.75 -16.59
N ASP B 882 19.65 19.80 -17.09
CA ASP B 882 20.78 20.08 -16.22
C ASP B 882 20.71 21.49 -15.63
N LEU B 883 20.25 22.46 -16.40
CA LEU B 883 20.08 23.80 -15.85
C LEU B 883 18.93 23.86 -14.85
N TYR B 884 17.87 23.10 -15.08
CA TYR B 884 16.80 23.02 -14.10
C TYR B 884 17.28 22.41 -12.79
N THR B 885 18.15 21.40 -12.87
CA THR B 885 18.71 20.80 -11.67
C THR B 885 19.84 21.62 -11.08
N CYS B 886 20.34 22.62 -11.81
CA CYS B 886 21.38 23.50 -11.30
C CYS B 886 20.83 24.79 -10.69
N PHE B 887 19.61 25.19 -11.04
CA PHE B 887 18.96 26.32 -10.39
C PHE B 887 17.99 25.93 -9.30
N ASP B 888 17.39 24.73 -9.36
CA ASP B 888 16.43 24.33 -8.36
C ASP B 888 17.07 24.01 -7.01
N ALA B 889 18.40 23.90 -6.94
CA ALA B 889 19.08 23.65 -5.69
C ALA B 889 19.51 24.93 -4.99
N VAL B 890 19.74 26.01 -5.75
CA VAL B 890 20.11 27.28 -5.14
C VAL B 890 18.90 28.15 -4.82
N ILE B 891 17.74 27.87 -5.42
CA ILE B 891 16.54 28.64 -5.12
C ILE B 891 15.83 28.15 -3.86
N ASP B 892 16.26 27.02 -3.31
CA ASP B 892 15.68 26.49 -2.09
C ASP B 892 16.45 26.90 -0.84
N ASN B 893 17.52 27.67 -0.99
CA ASN B 893 18.32 28.13 0.13
C ASN B 893 17.98 29.56 0.55
N PHE B 894 16.92 30.13 0.00
CA PHE B 894 16.48 31.49 0.32
C PHE B 894 15.00 31.47 0.67
N ASP B 895 14.46 32.67 0.88
CA ASP B 895 13.03 32.85 1.16
C ASP B 895 12.43 33.57 -0.04
N VAL B 896 12.06 32.79 -1.06
CA VAL B 896 11.47 33.32 -2.28
C VAL B 896 10.58 32.24 -2.88
N TYR B 897 9.72 32.65 -3.81
CA TYR B 897 8.76 31.75 -4.43
C TYR B 897 8.92 31.75 -5.94
N LYS B 898 8.79 30.56 -6.54
CA LYS B 898 8.69 30.41 -7.97
C LYS B 898 7.25 30.09 -8.34
N VAL B 899 6.68 30.85 -9.27
CA VAL B 899 5.29 30.68 -9.67
C VAL B 899 5.17 30.05 -11.05
N GLU B 900 6.11 30.35 -11.95
CA GLU B 900 6.07 29.80 -13.29
C GLU B 900 7.48 29.71 -13.85
N THR B 901 7.69 28.72 -14.72
CA THR B 901 8.97 28.53 -15.40
C THR B 901 8.66 28.12 -16.83
N ILE B 902 8.82 29.05 -17.77
CA ILE B 902 8.48 28.84 -19.16
C ILE B 902 9.78 28.79 -19.95
N GLY B 903 10.23 27.59 -20.29
CA GLY B 903 11.42 27.42 -21.11
C GLY B 903 12.70 27.82 -20.39
N ASP B 904 13.45 28.74 -20.98
CA ASP B 904 14.72 29.19 -20.44
C ASP B 904 14.59 30.49 -19.65
N ALA B 905 13.37 30.91 -19.33
CA ALA B 905 13.13 32.14 -18.58
C ALA B 905 12.60 31.82 -17.20
N TYR B 906 13.07 32.59 -16.24
CA TYR B 906 12.61 32.37 -14.86
C TYR B 906 11.93 33.65 -14.39
N MET B 907 10.96 33.48 -13.51
CA MET B 907 10.29 34.59 -12.84
C MET B 907 10.03 34.17 -11.41
N VAL B 908 10.48 35.00 -10.46
CA VAL B 908 10.42 34.67 -9.04
C VAL B 908 9.82 35.85 -8.30
N VAL B 909 8.93 35.57 -7.36
CA VAL B 909 8.32 36.60 -6.53
C VAL B 909 8.85 36.46 -5.10
N SER B 910 8.79 37.55 -4.35
CA SER B 910 9.24 37.58 -2.97
C SER B 910 8.13 38.13 -2.08
N GLY B 911 7.82 37.41 -1.00
CA GLY B 911 6.86 37.86 -0.01
C GLY B 911 5.41 37.66 -0.37
N LEU B 912 5.12 37.04 -1.51
CA LEU B 912 3.72 36.88 -1.94
C LEU B 912 2.89 36.04 -0.99
N PRO B 913 3.31 34.83 -0.56
CA PRO B 913 2.42 34.02 0.29
C PRO B 913 2.12 34.66 1.64
N VAL B 914 3.17 34.99 2.39
CA VAL B 914 3.04 35.59 3.71
C VAL B 914 3.74 36.94 3.70
N ARG B 915 3.03 37.97 4.16
CA ARG B 915 3.60 39.31 4.21
C ARG B 915 4.83 39.33 5.12
N ASN B 916 5.91 39.94 4.64
CA ASN B 916 7.17 39.97 5.37
C ASN B 916 7.66 41.38 5.63
N GLY B 917 6.80 42.38 5.43
CA GLY B 917 7.20 43.76 5.69
C GLY B 917 8.33 44.19 4.77
N ARG B 918 9.36 44.81 5.36
CA ARG B 918 10.50 45.33 4.63
C ARG B 918 11.61 44.32 4.43
N LEU B 919 11.30 43.02 4.52
CA LEU B 919 12.30 41.97 4.33
C LEU B 919 12.28 41.37 2.95
N HIS B 920 11.15 41.45 2.23
CA HIS B 920 11.06 40.86 0.89
C HIS B 920 12.06 41.49 -0.06
N ALA B 921 12.23 42.82 0.01
CA ALA B 921 13.22 43.48 -0.82
C ALA B 921 14.65 43.17 -0.41
N CYS B 922 14.85 42.58 0.78
CA CYS B 922 16.17 42.20 1.23
C CYS B 922 16.44 40.71 1.05
N GLU B 923 15.53 39.99 0.43
CA GLU B 923 15.69 38.56 0.16
C GLU B 923 15.78 38.24 -1.31
N VAL B 924 15.02 38.94 -2.16
CA VAL B 924 15.11 38.74 -3.60
C VAL B 924 16.40 39.31 -4.19
N ALA B 925 17.15 40.08 -3.41
CA ALA B 925 18.43 40.62 -3.85
C ALA B 925 19.62 39.79 -3.41
N ARG B 926 19.54 39.15 -2.23
CA ARG B 926 20.62 38.27 -1.81
C ARG B 926 20.70 37.03 -2.69
N MET B 927 19.57 36.59 -3.23
CA MET B 927 19.57 35.48 -4.18
C MET B 927 20.03 35.88 -5.57
N ALA B 928 20.08 37.18 -5.85
CA ALA B 928 20.60 37.67 -7.12
C ALA B 928 22.12 37.70 -7.17
N LEU B 929 22.78 37.42 -6.05
CA LEU B 929 24.24 37.32 -6.00
C LEU B 929 24.73 35.89 -5.92
N ALA B 930 23.99 35.01 -5.24
CA ALA B 930 24.34 33.59 -5.21
C ALA B 930 23.97 32.87 -6.50
N LEU B 931 23.09 33.45 -7.30
CA LEU B 931 22.75 32.89 -8.60
C LEU B 931 23.59 33.45 -9.74
N LEU B 932 24.21 34.62 -9.53
CA LEU B 932 25.14 35.19 -10.49
C LEU B 932 26.56 34.69 -10.30
N ASP B 933 26.80 33.90 -9.25
CA ASP B 933 28.11 33.29 -9.02
C ASP B 933 28.04 31.77 -9.09
N ALA B 934 26.85 31.19 -9.17
CA ALA B 934 26.70 29.76 -9.37
C ALA B 934 26.37 29.40 -10.82
N VAL B 935 26.20 30.40 -11.68
CA VAL B 935 26.01 30.18 -13.11
C VAL B 935 27.30 30.35 -13.89
N ARG B 936 28.42 30.60 -13.20
CA ARG B 936 29.72 30.70 -13.85
C ARG B 936 30.51 29.41 -13.78
N SER B 937 30.18 28.52 -12.84
CA SER B 937 30.81 27.21 -12.74
C SER B 937 29.99 26.12 -13.41
N PHE B 938 28.96 26.49 -14.15
CA PHE B 938 28.12 25.52 -14.83
C PHE B 938 28.88 24.85 -15.97
N ARG B 939 28.43 23.65 -16.34
CA ARG B 939 29.07 22.86 -17.37
C ARG B 939 28.10 22.61 -18.52
N ILE B 940 28.54 22.87 -19.74
CA ILE B 940 27.77 22.59 -20.94
C ILE B 940 28.33 21.30 -21.56
N ARG B 941 27.45 20.33 -21.79
CA ARG B 941 27.90 19.01 -22.22
C ARG B 941 28.61 19.07 -23.57
N HIS B 942 28.02 19.75 -24.54
CA HIS B 942 28.53 19.74 -25.90
C HIS B 942 29.50 20.89 -26.21
N ARG B 943 29.82 21.73 -25.23
CA ARG B 943 30.87 22.73 -25.39
C ARG B 943 31.37 23.10 -23.98
N PRO B 944 32.50 22.52 -23.57
CA PRO B 944 32.99 22.77 -22.20
C PRO B 944 33.83 24.03 -22.05
N GLN B 945 34.03 24.80 -23.10
CA GLN B 945 34.88 25.98 -23.06
C GLN B 945 34.08 27.28 -23.20
N GLU B 946 32.82 27.26 -22.78
CA GLU B 946 31.95 28.42 -22.86
C GLU B 946 31.22 28.62 -21.55
N GLN B 947 30.86 29.87 -21.26
CA GLN B 947 30.12 30.24 -20.06
C GLN B 947 28.75 30.76 -20.46
N LEU B 948 27.71 30.23 -19.84
CA LEU B 948 26.34 30.63 -20.17
C LEU B 948 26.05 32.00 -19.59
N ARG B 949 25.83 32.98 -20.45
CA ARG B 949 25.53 34.33 -20.01
C ARG B 949 24.09 34.43 -19.53
N LEU B 950 23.88 35.14 -18.43
CA LEU B 950 22.55 35.33 -17.86
C LEU B 950 22.25 36.80 -17.70
N ARG B 951 20.96 37.14 -17.74
CA ARG B 951 20.47 38.50 -17.59
C ARG B 951 19.46 38.50 -16.45
N ILE B 952 19.62 39.45 -15.53
CA ILE B 952 18.84 39.49 -14.29
C ILE B 952 18.23 40.86 -14.15
N GLY B 953 16.95 40.89 -13.77
CA GLY B 953 16.28 42.14 -13.46
C GLY B 953 15.47 42.00 -12.18
N ILE B 954 15.47 43.06 -11.38
CA ILE B 954 14.76 43.09 -10.12
C ILE B 954 13.96 44.38 -10.02
N HIS B 955 12.75 44.28 -9.47
CA HIS B 955 11.91 45.47 -9.33
C HIS B 955 11.01 45.28 -8.11
N THR B 956 10.51 46.40 -7.60
CA THR B 956 9.59 46.41 -6.47
C THR B 956 8.30 47.13 -6.86
N GLY B 957 7.16 46.55 -6.50
CA GLY B 957 5.88 47.13 -6.84
C GLY B 957 4.71 46.52 -6.11
N PRO B 958 3.58 47.24 -6.10
CA PRO B 958 2.33 46.75 -5.47
C PRO B 958 1.53 45.80 -6.36
N VAL B 959 1.91 44.52 -6.34
CA VAL B 959 1.24 43.50 -7.13
C VAL B 959 0.01 43.01 -6.38
N CYS B 960 -0.86 42.29 -7.08
CA CYS B 960 -2.04 41.68 -6.46
C CYS B 960 -2.19 40.28 -7.03
N ALA B 961 -2.19 39.27 -6.18
CA ALA B 961 -2.11 37.89 -6.64
C ALA B 961 -3.23 37.04 -6.06
N GLY B 962 -3.55 35.96 -6.78
CA GLY B 962 -4.60 35.06 -6.37
C GLY B 962 -4.26 33.63 -6.77
N VAL B 963 -5.11 32.71 -6.32
CA VAL B 963 -4.97 31.29 -6.64
C VAL B 963 -6.03 30.98 -7.71
N VAL B 964 -5.63 31.10 -8.97
CA VAL B 964 -6.57 30.89 -10.08
C VAL B 964 -6.50 29.45 -10.54
N GLY B 965 -7.51 29.01 -11.28
CA GLY B 965 -7.47 27.69 -11.88
C GLY B 965 -8.48 26.73 -11.28
N LEU B 966 -9.06 25.89 -12.13
CA LEU B 966 -10.01 24.87 -11.72
C LEU B 966 -9.46 23.51 -12.12
N LYS B 967 -9.44 22.57 -11.16
CA LYS B 967 -8.94 21.21 -11.29
C LYS B 967 -7.43 21.15 -11.48
N MET B 968 -6.75 22.29 -11.61
CA MET B 968 -5.31 22.37 -11.70
C MET B 968 -4.89 23.79 -11.33
N PRO B 969 -4.86 24.12 -10.04
CA PRO B 969 -4.70 25.52 -9.64
C PRO B 969 -3.26 25.98 -9.67
N ARG B 970 -3.08 27.25 -10.04
CA ARG B 970 -1.78 27.89 -10.02
C ARG B 970 -1.95 29.30 -9.47
N TYR B 971 -0.86 29.83 -8.93
CA TYR B 971 -0.87 31.12 -8.24
C TYR B 971 -0.37 32.18 -9.22
N CYS B 972 -1.22 33.17 -9.50
CA CYS B 972 -0.96 34.16 -10.54
C CYS B 972 -0.98 35.56 -9.95
N LEU B 973 -0.01 36.37 -10.35
CA LEU B 973 0.12 37.75 -9.91
C LEU B 973 -0.23 38.70 -11.05
N PHE B 974 -0.97 39.75 -10.72
CA PHE B 974 -1.46 40.72 -11.70
C PHE B 974 -1.11 42.13 -11.22
N GLY B 975 -1.02 43.04 -12.18
CA GLY B 975 -0.68 44.43 -11.91
C GLY B 975 0.37 44.95 -12.87
N ASP B 976 0.58 46.26 -12.78
CA ASP B 976 1.60 46.91 -13.61
C ASP B 976 3.01 46.51 -13.21
N THR B 977 3.18 45.87 -12.05
CA THR B 977 4.52 45.49 -11.60
C THR B 977 5.16 44.49 -12.57
N VAL B 978 4.38 43.53 -13.07
CA VAL B 978 4.93 42.53 -13.98
C VAL B 978 5.40 43.20 -15.27
N ASN B 979 4.58 44.09 -15.82
CA ASN B 979 4.97 44.79 -17.06
C ASN B 979 6.19 45.66 -16.83
N THR B 980 6.25 46.36 -15.70
CA THR B 980 7.41 47.20 -15.41
C THR B 980 8.67 46.35 -15.27
N ALA B 981 8.57 45.21 -14.59
CA ALA B 981 9.73 44.33 -14.43
C ALA B 981 10.19 43.78 -15.77
N SER B 982 9.24 43.40 -16.63
CA SER B 982 9.61 42.90 -17.96
C SER B 982 10.30 43.98 -18.77
N ARG B 983 9.79 45.21 -18.73
CA ARG B 983 10.42 46.30 -19.45
C ARG B 983 11.82 46.58 -18.91
N MET B 984 11.98 46.55 -17.59
CA MET B 984 13.30 46.79 -16.99
C MET B 984 14.28 45.71 -17.37
N GLU B 985 13.85 44.45 -17.35
CA GLU B 985 14.75 43.34 -17.64
C GLU B 985 14.98 43.14 -19.15
N SER B 986 14.18 43.78 -19.99
CA SER B 986 14.40 43.68 -21.43
C SER B 986 15.52 44.59 -21.93
N ASN B 987 16.10 45.42 -21.06
CA ASN B 987 17.17 46.33 -21.44
C ASN B 987 18.39 46.16 -20.53
N GLY B 988 18.60 44.95 -20.02
CA GLY B 988 19.72 44.66 -19.15
C GLY B 988 20.96 44.26 -19.91
N GLU B 989 21.95 43.78 -19.16
CA GLU B 989 23.22 43.34 -19.72
C GLU B 989 23.60 41.99 -19.11
N ALA B 990 24.29 41.18 -19.90
CA ALA B 990 24.69 39.85 -19.45
C ALA B 990 25.72 39.94 -18.34
N LEU B 991 25.68 38.96 -17.44
CA LEU B 991 26.61 38.87 -16.31
C LEU B 991 26.59 40.13 -15.46
N LYS B 992 25.41 40.72 -15.28
CA LYS B 992 25.25 41.92 -14.48
C LYS B 992 23.84 41.97 -13.92
N ILE B 993 23.72 42.52 -12.72
CA ILE B 993 22.44 42.66 -12.04
C ILE B 993 22.00 44.11 -12.17
N HIS B 994 20.80 44.32 -12.73
CA HIS B 994 20.25 45.64 -12.96
C HIS B 994 19.11 45.88 -11.98
N LEU B 995 19.19 46.97 -11.23
CA LEU B 995 18.22 47.30 -10.20
C LEU B 995 17.31 48.44 -10.67
N SER B 996 16.28 48.69 -9.87
CA SER B 996 15.32 49.75 -10.12
C SER B 996 15.32 50.75 -8.97
N SER B 997 14.76 51.93 -9.24
CA SER B 997 14.79 53.00 -8.24
C SER B 997 14.02 52.61 -6.98
N GLU B 998 12.86 51.98 -7.15
CA GLU B 998 12.08 51.54 -6.00
C GLU B 998 12.86 50.54 -5.15
N THR B 999 13.51 49.57 -5.80
CA THR B 999 14.37 48.65 -5.07
C THR B 999 15.62 49.34 -4.56
N LYS B 1000 16.13 50.34 -5.30
CA LYS B 1000 17.34 51.03 -4.88
C LYS B 1000 17.12 51.78 -3.57
N ALA B 1001 15.94 52.39 -3.40
CA ALA B 1001 15.66 53.11 -2.15
C ALA B 1001 15.69 52.17 -0.96
N VAL B 1002 15.03 51.02 -1.08
CA VAL B 1002 15.01 50.05 0.01
C VAL B 1002 16.41 49.51 0.29
N LEU B 1003 17.16 49.22 -0.77
CA LEU B 1003 18.52 48.70 -0.60
C LEU B 1003 19.41 49.72 0.11
N GLU B 1004 19.31 50.99 -0.27
CA GLU B 1004 20.10 52.03 0.39
C GLU B 1004 19.67 52.19 1.84
N GLU B 1005 18.36 52.11 2.11
CA GLU B 1005 17.88 52.23 3.48
C GLU B 1005 18.40 51.10 4.35
N PHE B 1006 18.40 49.86 3.83
CA PHE B 1006 18.87 48.73 4.62
C PHE B 1006 20.37 48.82 4.87
N GLY B 1007 21.15 49.08 3.83
CA GLY B 1007 22.59 49.19 4.00
C GLY B 1007 23.30 47.86 3.85
N GLY B 1008 24.57 47.94 3.48
CA GLY B 1008 25.40 46.76 3.31
C GLY B 1008 25.55 46.27 1.88
N PHE B 1009 25.02 47.00 0.90
CA PHE B 1009 25.09 46.61 -0.50
C PHE B 1009 25.74 47.75 -1.28
N GLU B 1010 26.78 47.42 -2.06
CA GLU B 1010 27.55 48.44 -2.78
C GLU B 1010 26.92 48.62 -4.17
N LEU B 1011 25.91 49.49 -4.23
CA LEU B 1011 25.29 49.83 -5.50
C LEU B 1011 26.16 50.80 -6.29
N GLU B 1012 25.95 50.82 -7.60
CA GLU B 1012 26.67 51.71 -8.50
C GLU B 1012 25.70 52.30 -9.52
N LEU B 1013 25.84 53.61 -9.76
CA LEU B 1013 24.93 54.29 -10.68
C LEU B 1013 25.11 53.79 -12.10
N ARG B 1014 24.02 53.83 -12.87
CA ARG B 1014 24.00 53.35 -14.23
C ARG B 1014 23.80 54.47 -15.25
N GLY B 1015 22.74 55.25 -15.12
CA GLY B 1015 22.45 56.31 -16.04
C GLY B 1015 20.96 56.57 -16.10
N ASP B 1016 20.54 57.14 -17.24
CA ASP B 1016 19.15 57.50 -17.48
C ASP B 1016 18.69 56.97 -18.83
N VAL B 1017 18.95 55.69 -19.09
CA VAL B 1017 18.55 55.08 -20.36
C VAL B 1017 17.04 55.07 -20.46
N GLU B 1018 16.52 55.51 -21.61
CA GLU B 1018 15.09 55.57 -21.81
C GLU B 1018 14.49 54.17 -21.99
N MET B 1019 13.21 54.07 -21.68
CA MET B 1019 12.48 52.81 -21.80
C MET B 1019 11.11 53.07 -22.39
N LYS B 1020 10.51 52.03 -22.96
CA LYS B 1020 9.18 52.12 -23.57
C LYS B 1020 8.15 52.19 -22.43
N GLY B 1021 7.93 53.41 -21.97
CA GLY B 1021 7.07 53.65 -20.82
C GLY B 1021 7.05 55.09 -20.40
N LYS B 1022 7.24 55.35 -19.10
CA LYS B 1022 7.26 56.72 -18.60
C LYS B 1022 8.37 57.53 -19.26
N GLY B 1023 9.50 56.89 -19.55
CA GLY B 1023 10.60 57.57 -20.21
C GLY B 1023 11.96 57.27 -19.60
N LYS B 1024 12.74 58.32 -19.35
CA LYS B 1024 14.07 58.17 -18.77
C LYS B 1024 13.97 58.24 -17.25
N VAL B 1025 14.44 57.19 -16.58
CA VAL B 1025 14.41 57.11 -15.12
C VAL B 1025 15.77 56.68 -14.62
N ARG B 1026 16.01 56.93 -13.34
CA ARG B 1026 17.27 56.58 -12.73
C ARG B 1026 17.44 55.06 -12.64
N THR B 1027 18.67 54.60 -12.82
CA THR B 1027 18.99 53.18 -12.80
C THR B 1027 20.34 52.98 -12.12
N TYR B 1028 20.57 51.78 -11.62
CA TYR B 1028 21.80 51.46 -10.92
C TYR B 1028 22.12 49.98 -11.07
N TRP B 1029 23.38 49.63 -10.85
CA TRP B 1029 23.84 48.26 -10.85
C TRP B 1029 24.11 47.79 -9.43
N LEU B 1030 23.93 46.48 -9.20
CA LEU B 1030 24.24 45.86 -7.93
C LEU B 1030 25.59 45.16 -8.07
N LEU B 1031 26.60 45.71 -7.39
CA LEU B 1031 27.95 45.16 -7.50
C LEU B 1031 28.16 44.00 -6.54
N GLY B 1032 27.88 44.20 -5.27
CA GLY B 1032 28.09 43.14 -4.30
C GLY B 1032 27.54 43.52 -2.94
N GLU B 1033 27.69 42.59 -1.99
CA GLU B 1033 27.23 42.77 -0.62
C GLU B 1033 28.44 42.76 0.30
N ARG B 1034 28.55 43.78 1.15
CA ARG B 1034 29.65 43.88 2.10
C ARG B 1034 29.42 42.98 3.30
PG ATP C . -9.49 -3.15 34.94
O1G ATP C . -9.42 -4.63 35.01
O2G ATP C . -9.17 -2.57 33.56
O3G ATP C . -10.82 -2.57 35.43
PB ATP C . -6.97 -2.84 36.55
O1B ATP C . -6.97 -4.16 37.20
O2B ATP C . -6.59 -1.66 37.45
O3B ATP C . -8.39 -2.50 35.91
PA ATP C . -4.73 -3.58 34.77
O1A ATP C . -3.51 -2.76 34.89
O2A ATP C . -4.70 -4.91 35.51
O3A ATP C . -6.03 -2.79 35.28
O5' ATP C . -5.07 -3.86 33.25
C5' ATP C . -4.69 -5.10 32.61
C4' ATP C . -3.19 -5.24 32.68
O4' ATP C . -2.81 -6.57 32.25
C3' ATP C . -2.40 -4.26 31.79
O3' ATP C . -1.24 -3.80 32.48
C2' ATP C . -2.04 -5.12 30.57
O2' ATP C . -0.84 -4.67 29.96
C1' ATP C . -1.84 -6.48 31.22
N9 ATP C . -2.03 -7.61 30.31
C8 ATP C . -2.66 -7.59 29.09
N7 ATP C . -2.68 -8.75 28.48
C5 ATP C . -2.01 -9.60 29.36
C6 ATP C . -1.70 -10.97 29.31
N6 ATP C . -2.02 -11.76 28.29
N1 ATP C . -1.02 -11.49 30.36
C2 ATP C . -0.70 -10.71 31.38
N3 ATP C . -0.95 -9.40 31.54
C4 ATP C . -1.60 -8.90 30.49
PG ATP D . -0.54 -32.93 -13.25
O1G ATP D . 0.70 -33.32 -12.52
O2G ATP D . -1.11 -34.06 -14.13
O3G ATP D . -0.39 -31.67 -14.11
PB ATP D . -2.43 -31.32 -11.57
O1B ATP D . -3.81 -31.15 -12.08
O2B ATP D . -2.31 -31.48 -10.05
O3B ATP D . -1.72 -32.59 -12.23
PA ATP D . -0.06 -29.55 -11.55
O1A ATP D . 1.02 -30.55 -11.74
O2A ATP D . 0.15 -28.24 -12.30
O3A ATP D . -1.46 -30.13 -12.01
O5' ATP D . -0.27 -29.24 -10.02
C5' ATP D . -0.57 -27.90 -9.56
C4' ATP D . -1.99 -27.56 -9.96
O4' ATP D . -2.85 -28.66 -9.63
C3' ATP D . -2.61 -26.37 -9.24
O3' ATP D . -2.24 -25.15 -9.86
C2' ATP D . -4.11 -26.65 -9.37
O2' ATP D . -4.65 -26.06 -10.55
C1' ATP D . -4.18 -28.18 -9.46
N9 ATP D . -4.77 -28.83 -8.30
C8 ATP D . -5.80 -29.74 -8.30
N7 ATP D . -6.14 -30.17 -7.10
C5 ATP D . -5.26 -29.52 -6.26
C6 ATP D . -5.09 -29.54 -4.86
N6 ATP D . -5.83 -30.28 -4.03
N1 ATP D . -4.11 -28.76 -4.33
C2 ATP D . -3.38 -28.01 -5.15
N3 ATP D . -3.45 -27.90 -6.47
C4 ATP D . -4.41 -28.69 -6.97
#